data_9Q22
#
_entry.id   9Q22
#
_cell.length_a   260.240
_cell.length_b   260.240
_cell.length_c   123.660
_cell.angle_alpha   90.00
_cell.angle_beta   90.00
_cell.angle_gamma   120.00
#
_symmetry.space_group_name_H-M   'P 61 2 2'
#
loop_
_entity.id
_entity.type
_entity.pdbx_description
1 polymer 'DNA damage-binding protein 1'
2 polymer 'Protein cereblon'
3 polymer 'Zinc finger protein Helios'
4 non-polymer (3S)-3-[5-(1-benzyl-4-hydroxypiperidin-4-yl)-1-oxo-1,3-dihydro-2H-isoindol-2-yl]piperidine-2,6-dione
5 non-polymer 'ZINC ION'
#
loop_
_entity_poly.entity_id
_entity_poly.type
_entity_poly.pdbx_seq_one_letter_code
_entity_poly.pdbx_strand_id
1 'polypeptide(L)'
;MHHHHHHVDEENLYFQGGGRMSYNYVVTAQKPTAVNGCVTGHFTSAEDLNLLIAKNTRLEIYVVTAEGLRPVKEVGMYGK
IAVMELFRPKGESKDLLFILTAKYNACILEYKQSGESIDIITRAHGNVQDRIGRPSETGIIGIIDPECRMIGLRLYDGLF
KVIPLDRDNKELKAFNIRLEELHVIDVKFLYGCQAPTICFVYQDPQGRHVKTYEVSLREKEFNKGPWKQENVEAEASMVI
AVPEPFGGAIIIGQESITYHNGDKYLAIAPPIIKQSTIVCHNRVDPNGSRYLLGDMEGRLFMLLLEKEEQMDGTVTLKDL
RVELLGETSIAECLTYLDNGVVFVGSRLGDSQLVKLNVDSNEQGSYVVAMETFTNLGPIVDMCVVDLERQGQGQLVTCSG
AFKEGSLRIIRNGIGGNGNSGEIQKLHIRTVPLYESPRKICYQEVSQCFGVLSSRIEVQDTSGGTTALRPSASTQALSSS
VSSSKLFSSSTAPHETSFGEEVEVHNLLIIDQHTFEVLHAHQFLQNEYALSLVSCKLGKDPNTYFIVGTAMVYPEEAEPK
QGRIVVFQYSDGKLQTVAEKEVKGAVYSMVEFNGKLLASINSTVRLYEWTTEKELRTECNHYNNIMALYLKTKGDFILVG
DLMRSVLLLAYKPMEGNFEEIARDFNPNWMSAVEILDDDNFLGAENAFNLFVCQKDSAATTDEERQHLQEVGLFHLGEFV
NVFCHGSLVMQNLGETSTPTQGSVLFGTVNGMIGLVTSLSESWYNLLLDMQNRLNKVIKSVGKIEHSFWRSFHTERKTEP
ATGFIDGDLIESFLDISRPKMQEVVANLQYDDGSGMKREATADDLIKVVEELTRIH
;
A
2 'polypeptide(L)'
;MDWSHPQFEKSAVDENLYFQGGGRAKKPNIINFDTSLPTSHTYLGADMEEFHGRTLHDDDSCQVIPVLPQVMMILIPGQT
LPLQLFHPQEVSMVRNLIQKDRTFAVLAYSNVQEREAQFGTTAEIYAYREEQDFGIEIVKVKAIGRQRFKVLELRTQSDG
IQQAKVQILPECVLPSTMSAVQLESLNKCQIFPSKPVSREDQCSYKWWQKYQKRKFHCANLTSWPRWLYSLYDAETLMDR
IKKQLREWDENLKDDSLPSNPIDFSYRVAACLPIDDVLRIQLLKIGSAIQRLRCELDIMNKCTSLCCKQCQETEITTKNE
IFSLSLCGPMAAYVNPHGYVHETLTVYKACNLNLIGRPSTEHSWFPGYAWTVAQCKICASHIGWKFTATKKDMSPQKFWG
LTRSALLPTIPDTEDEISPDKVILCL
;
B
3 'polypeptide(L)' GSTGERPFHCNQCGASFTQKGNLLRHIKLHS C
#
loop_
_chem_comp.id
_chem_comp.type
_chem_comp.name
_chem_comp.formula
A1CNP non-polymer (3S)-3-[5-(1-benzyl-4-hydroxypiperidin-4-yl)-1-oxo-1,3-dihydro-2H-isoindol-2-yl]piperidine-2,6-dione 'C25 H27 N3 O4'
ZN non-polymer 'ZINC ION' 'Zn 2'
#
# COMPACT_ATOMS: atom_id res chain seq x y z
N MET A 21 28.18 4.86 2.45
CA MET A 21 28.90 3.71 3.00
C MET A 21 28.86 2.50 2.04
N SER A 22 27.79 2.38 1.22
CA SER A 22 27.69 1.41 0.12
C SER A 22 27.95 2.23 -1.12
N TYR A 23 28.52 1.61 -2.11
CA TYR A 23 28.87 2.25 -3.35
C TYR A 23 28.26 1.40 -4.44
N ASN A 24 27.04 1.71 -4.88
CA ASN A 24 26.35 0.88 -5.88
C ASN A 24 26.10 1.64 -7.18
N TYR A 25 25.97 0.88 -8.26
CA TYR A 25 25.80 1.38 -9.61
C TYR A 25 24.57 0.68 -10.19
N VAL A 26 23.56 1.46 -10.64
CA VAL A 26 22.34 0.92 -11.23
C VAL A 26 22.20 1.42 -12.68
N VAL A 27 22.06 0.48 -13.63
CA VAL A 27 21.97 0.79 -15.06
C VAL A 27 20.83 0.01 -15.73
N THR A 28 20.22 0.60 -16.77
CA THR A 28 19.12 -0.02 -17.51
C THR A 28 19.68 -0.93 -18.58
N ALA A 29 19.20 -2.18 -18.59
CA ALA A 29 19.55 -3.20 -19.57
C ALA A 29 18.49 -3.18 -20.67
N GLN A 30 17.19 -3.07 -20.28
CA GLN A 30 16.06 -2.98 -21.19
C GLN A 30 15.16 -1.84 -20.72
N LYS A 31 14.86 -0.88 -21.59
CA LYS A 31 13.96 0.24 -21.29
C LYS A 31 12.53 -0.28 -21.06
N PRO A 32 11.66 0.44 -20.32
CA PRO A 32 10.27 -0.02 -20.15
C PRO A 32 9.56 -0.21 -21.49
N THR A 33 8.79 -1.31 -21.62
CA THR A 33 8.06 -1.69 -22.84
C THR A 33 6.51 -1.55 -22.71
N ALA A 34 5.99 -1.42 -21.49
CA ALA A 34 4.56 -1.27 -21.26
C ALA A 34 4.13 0.15 -21.66
N VAL A 35 2.97 0.26 -22.32
CA VAL A 35 2.41 1.53 -22.82
C VAL A 35 1.39 2.07 -21.83
N ASN A 36 1.66 3.26 -21.25
CA ASN A 36 0.69 3.88 -20.34
C ASN A 36 -0.14 4.98 -21.00
N GLY A 37 0.18 5.36 -22.24
CA GLY A 37 -0.58 6.40 -22.93
C GLY A 37 -0.21 6.57 -24.38
N CYS A 38 -1.15 7.10 -25.17
CA CYS A 38 -0.93 7.37 -26.58
C CYS A 38 -1.92 8.41 -27.10
N VAL A 39 -1.40 9.40 -27.86
CA VAL A 39 -2.18 10.50 -28.46
C VAL A 39 -1.82 10.69 -29.92
N THR A 40 -2.77 11.25 -30.71
CA THR A 40 -2.56 11.58 -32.13
C THR A 40 -2.71 13.08 -32.34
N GLY A 41 -2.03 13.60 -33.35
CA GLY A 41 -2.09 15.02 -33.66
C GLY A 41 -1.06 15.43 -34.70
N HIS A 42 -0.75 16.72 -34.78
CA HIS A 42 0.18 17.23 -35.76
C HIS A 42 1.27 17.96 -34.99
N PHE A 43 2.19 17.17 -34.44
CA PHE A 43 3.27 17.60 -33.57
C PHE A 43 4.58 17.89 -34.30
N THR A 44 5.02 16.97 -35.18
CA THR A 44 6.26 17.09 -35.95
C THR A 44 6.13 18.10 -37.11
N SER A 45 4.96 18.17 -37.70
CA SER A 45 4.65 19.10 -38.77
C SER A 45 3.14 19.30 -38.80
N ALA A 46 2.67 20.45 -39.27
CA ALA A 46 1.24 20.71 -39.39
C ALA A 46 0.58 19.74 -40.40
N GLU A 47 1.36 19.28 -41.41
CA GLU A 47 0.91 18.36 -42.44
C GLU A 47 1.01 16.85 -42.01
N ASP A 48 1.84 16.50 -41.01
CA ASP A 48 2.03 15.11 -40.60
C ASP A 48 1.04 14.69 -39.53
N LEU A 49 0.54 13.44 -39.57
CA LEU A 49 -0.29 12.90 -38.48
C LEU A 49 0.66 12.08 -37.62
N ASN A 50 0.70 12.33 -36.32
CA ASN A 50 1.61 11.65 -35.42
C ASN A 50 0.94 10.74 -34.43
N LEU A 51 1.69 9.75 -33.95
CA LEU A 51 1.27 8.87 -32.88
C LEU A 51 2.38 9.00 -31.84
N LEU A 52 2.05 9.56 -30.68
CA LEU A 52 2.98 9.72 -29.56
C LEU A 52 2.65 8.66 -28.55
N ILE A 53 3.64 7.87 -28.12
CA ILE A 53 3.42 6.79 -27.16
C ILE A 53 4.28 7.03 -25.93
N ALA A 54 3.68 6.91 -24.74
CA ALA A 54 4.40 7.06 -23.49
C ALA A 54 4.64 5.69 -22.90
N LYS A 55 5.91 5.33 -22.64
CA LYS A 55 6.29 4.08 -22.01
C LYS A 55 7.08 4.47 -20.75
N ASN A 56 6.32 4.96 -19.76
CA ASN A 56 6.76 5.44 -18.45
C ASN A 56 7.73 6.67 -18.57
N THR A 57 9.06 6.49 -18.51
CA THR A 57 10.03 7.58 -18.63
C THR A 57 10.45 7.82 -20.10
N ARG A 58 9.84 7.11 -21.08
CA ARG A 58 10.15 7.20 -22.48
C ARG A 58 8.98 7.74 -23.28
N LEU A 59 9.26 8.55 -24.31
CA LEU A 59 8.27 9.10 -25.24
C LEU A 59 8.74 8.74 -26.64
N GLU A 60 7.87 8.09 -27.42
CA GLU A 60 8.16 7.69 -28.80
C GLU A 60 7.28 8.53 -29.72
N ILE A 61 7.85 9.05 -30.81
CA ILE A 61 7.12 9.88 -31.75
C ILE A 61 7.13 9.15 -33.08
N TYR A 62 5.95 8.97 -33.67
CA TYR A 62 5.77 8.26 -34.95
C TYR A 62 5.00 9.10 -35.93
N VAL A 63 5.27 8.93 -37.24
CA VAL A 63 4.47 9.57 -38.27
C VAL A 63 3.58 8.45 -38.76
N VAL A 64 2.28 8.67 -38.72
CA VAL A 64 1.30 7.69 -39.16
C VAL A 64 1.28 7.77 -40.68
N THR A 65 1.93 6.81 -41.32
CA THR A 65 1.95 6.73 -42.78
C THR A 65 0.76 5.91 -43.26
N ALA A 66 0.50 5.94 -44.58
CA ALA A 66 -0.53 5.09 -45.21
C ALA A 66 -0.18 3.59 -44.94
N GLU A 67 1.15 3.29 -44.98
CA GLU A 67 1.78 2.00 -44.71
C GLU A 67 1.46 1.57 -43.23
N GLY A 68 2.08 2.23 -42.26
CA GLY A 68 1.84 1.95 -40.86
C GLY A 68 2.36 3.06 -39.99
N LEU A 69 3.44 2.81 -39.23
CA LEU A 69 4.07 3.80 -38.36
C LEU A 69 5.53 4.00 -38.74
N ARG A 70 5.94 5.25 -38.94
CA ARG A 70 7.31 5.59 -39.29
C ARG A 70 7.98 6.21 -38.06
N PRO A 71 8.95 5.53 -37.42
CA PRO A 71 9.60 6.14 -36.25
C PRO A 71 10.29 7.43 -36.62
N VAL A 72 10.21 8.41 -35.73
CA VAL A 72 10.76 9.74 -35.99
C VAL A 72 11.76 10.15 -34.88
N LYS A 73 11.33 10.08 -33.62
CA LYS A 73 12.18 10.49 -32.50
C LYS A 73 11.79 9.76 -31.26
N GLU A 74 12.77 9.49 -30.40
CA GLU A 74 12.53 8.83 -29.13
C GLU A 74 13.34 9.58 -28.09
N VAL A 75 12.68 10.06 -27.05
CA VAL A 75 13.33 10.82 -25.99
C VAL A 75 13.06 10.18 -24.64
N GLY A 76 13.92 10.50 -23.69
CA GLY A 76 13.81 10.06 -22.31
C GLY A 76 13.62 11.26 -21.43
N MET A 77 12.80 11.11 -20.38
CA MET A 77 12.53 12.18 -19.43
C MET A 77 12.99 11.80 -18.06
N TYR A 78 13.33 12.81 -17.25
CA TYR A 78 13.71 12.60 -15.87
C TYR A 78 12.43 12.67 -15.03
N GLY A 79 11.50 11.77 -15.37
CA GLY A 79 10.21 11.63 -14.72
C GLY A 79 9.36 10.54 -15.34
N LYS A 80 8.31 10.15 -14.61
CA LYS A 80 7.32 9.17 -15.05
C LYS A 80 6.17 9.96 -15.71
N ILE A 81 5.90 9.76 -17.00
CA ILE A 81 4.87 10.52 -17.70
C ILE A 81 3.48 10.19 -17.15
N ALA A 82 2.85 11.13 -16.43
CA ALA A 82 1.52 10.99 -15.83
C ALA A 82 0.39 11.62 -16.67
N VAL A 83 0.69 12.69 -17.42
CA VAL A 83 -0.26 13.33 -18.35
C VAL A 83 0.50 13.56 -19.65
N MET A 84 -0.17 13.40 -20.79
CA MET A 84 0.43 13.62 -22.11
C MET A 84 -0.68 14.00 -23.07
N GLU A 85 -0.83 15.30 -23.39
CA GLU A 85 -1.88 15.78 -24.29
C GLU A 85 -1.35 16.77 -25.32
N LEU A 86 -1.78 16.65 -26.59
CA LEU A 86 -1.40 17.59 -27.65
C LEU A 86 -2.45 18.69 -27.72
N PHE A 87 -2.06 19.89 -28.13
CA PHE A 87 -2.97 21.02 -28.24
C PHE A 87 -2.41 22.07 -29.20
N ARG A 88 -3.27 22.76 -29.97
CA ARG A 88 -2.81 23.80 -30.89
C ARG A 88 -3.39 25.11 -30.42
N PRO A 89 -2.62 25.97 -29.72
CA PRO A 89 -3.20 27.28 -29.30
C PRO A 89 -3.33 28.28 -30.46
N LYS A 90 -4.02 29.42 -30.25
CA LYS A 90 -4.22 30.43 -31.31
C LYS A 90 -2.93 30.79 -32.04
N GLY A 91 -3.01 30.83 -33.36
CA GLY A 91 -1.90 31.22 -34.20
C GLY A 91 -0.91 30.12 -34.52
N GLU A 92 -0.48 29.33 -33.49
CA GLU A 92 0.51 28.26 -33.67
C GLU A 92 0.32 27.41 -34.93
N SER A 93 1.41 27.28 -35.72
CA SER A 93 1.40 26.55 -36.98
C SER A 93 1.13 25.06 -36.78
N LYS A 94 1.59 24.48 -35.64
CA LYS A 94 1.37 23.07 -35.33
C LYS A 94 1.18 22.85 -33.81
N ASP A 95 0.73 21.63 -33.44
CA ASP A 95 0.46 21.22 -32.06
C ASP A 95 1.72 21.22 -31.15
N LEU A 96 1.50 21.56 -29.89
CA LEU A 96 2.48 21.52 -28.80
C LEU A 96 2.09 20.33 -27.90
N LEU A 97 3.00 19.87 -27.03
CA LEU A 97 2.73 18.71 -26.20
C LEU A 97 2.84 19.04 -24.73
N PHE A 98 1.75 18.84 -23.97
CA PHE A 98 1.79 19.05 -22.53
C PHE A 98 2.12 17.72 -21.88
N ILE A 99 3.08 17.74 -20.96
CA ILE A 99 3.45 16.56 -20.19
C ILE A 99 3.53 16.97 -18.72
N LEU A 100 3.02 16.10 -17.85
CA LEU A 100 3.13 16.25 -16.41
C LEU A 100 3.73 14.94 -15.91
N THR A 101 4.77 14.99 -15.07
CA THR A 101 5.37 13.77 -14.52
C THR A 101 4.74 13.42 -13.16
N ALA A 102 5.00 12.20 -12.64
CA ALA A 102 4.50 11.74 -11.35
C ALA A 102 5.08 12.53 -10.18
N LYS A 103 6.22 13.23 -10.37
CA LYS A 103 6.77 14.13 -9.35
C LYS A 103 6.28 15.60 -9.57
N TYR A 104 5.19 15.78 -10.37
CA TYR A 104 4.50 17.03 -10.65
C TYR A 104 5.29 18.02 -11.51
N ASN A 105 6.22 17.54 -12.35
CA ASN A 105 6.95 18.42 -13.26
C ASN A 105 6.05 18.64 -14.46
N ALA A 106 5.67 19.88 -14.73
CA ALA A 106 4.81 20.23 -15.87
C ALA A 106 5.66 20.90 -16.94
N CYS A 107 5.33 20.67 -18.22
CA CYS A 107 6.07 21.24 -19.33
C CYS A 107 5.29 21.24 -20.64
N ILE A 108 5.58 22.22 -21.51
CA ILE A 108 4.98 22.30 -22.85
C ILE A 108 6.16 22.16 -23.80
N LEU A 109 6.13 21.12 -24.63
CA LEU A 109 7.23 20.80 -25.53
C LEU A 109 6.86 21.12 -26.98
N GLU A 110 7.87 21.43 -27.80
CA GLU A 110 7.69 21.72 -29.21
C GLU A 110 8.71 20.92 -30.00
N TYR A 111 8.25 20.30 -31.09
CA TYR A 111 9.12 19.55 -31.99
C TYR A 111 9.69 20.58 -32.95
N LYS A 112 11.02 20.63 -33.10
CA LYS A 112 11.62 21.58 -34.03
C LYS A 112 12.77 20.88 -34.72
N GLN A 113 12.73 20.88 -36.06
CA GLN A 113 13.77 20.29 -36.85
C GLN A 113 14.30 21.35 -37.81
N SER A 114 15.62 21.57 -37.78
CA SER A 114 16.30 22.52 -38.65
C SER A 114 17.35 21.71 -39.41
N GLY A 115 16.98 21.27 -40.61
CA GLY A 115 17.84 20.45 -41.45
C GLY A 115 17.94 19.03 -40.94
N GLU A 116 19.02 18.74 -40.21
CA GLU A 116 19.34 17.42 -39.62
C GLU A 116 19.02 17.34 -38.11
N SER A 117 19.21 18.47 -37.42
CA SER A 117 19.06 18.59 -35.98
C SER A 117 17.60 18.55 -35.51
N ILE A 118 17.24 17.50 -34.74
CA ILE A 118 15.92 17.34 -34.14
C ILE A 118 16.08 17.71 -32.67
N ASP A 119 15.24 18.61 -32.16
CA ASP A 119 15.32 19.02 -30.76
C ASP A 119 13.93 19.25 -30.17
N ILE A 120 13.60 18.51 -29.08
CA ILE A 120 12.31 18.68 -28.40
C ILE A 120 12.54 19.84 -27.45
N ILE A 121 12.31 21.06 -27.94
CA ILE A 121 12.57 22.26 -27.13
C ILE A 121 11.46 22.46 -26.11
N THR A 122 11.83 22.96 -24.94
CA THR A 122 10.90 23.18 -23.83
C THR A 122 10.38 24.61 -23.89
N ARG A 123 9.12 24.79 -24.33
CA ARG A 123 8.50 26.10 -24.46
C ARG A 123 8.12 26.74 -23.12
N ALA A 124 7.77 25.89 -22.15
CA ALA A 124 7.41 26.33 -20.79
C ALA A 124 7.61 25.15 -19.84
N HIS A 125 7.87 25.43 -18.56
CA HIS A 125 8.04 24.37 -17.57
C HIS A 125 7.94 24.93 -16.16
N GLY A 126 7.63 24.04 -15.23
CA GLY A 126 7.52 24.38 -13.82
C GLY A 126 6.99 23.21 -13.01
N ASN A 127 7.24 23.21 -11.69
CA ASN A 127 6.71 22.15 -10.84
C ASN A 127 5.39 22.65 -10.28
N VAL A 128 4.35 21.83 -10.35
CA VAL A 128 3.01 22.21 -9.92
C VAL A 128 2.58 21.57 -8.59
N GLN A 129 3.51 20.95 -7.86
CA GLN A 129 3.18 20.33 -6.58
C GLN A 129 2.79 21.41 -5.58
N ASP A 130 1.83 21.11 -4.70
CA ASP A 130 1.42 22.00 -3.63
C ASP A 130 2.05 21.49 -2.36
N ARG A 131 2.59 22.37 -1.54
CA ARG A 131 3.17 22.06 -0.24
C ARG A 131 2.20 21.22 0.63
N ILE A 132 0.88 21.51 0.52
CA ILE A 132 -0.20 20.87 1.25
C ILE A 132 -1.17 20.25 0.26
N GLY A 133 -1.59 19.02 0.52
CA GLY A 133 -2.53 18.34 -0.36
C GLY A 133 -2.54 16.83 -0.23
N ARG A 134 -3.74 16.24 -0.20
CA ARG A 134 -3.94 14.79 -0.12
C ARG A 134 -3.97 14.32 -1.57
N PRO A 135 -2.95 13.62 -2.09
CA PRO A 135 -3.01 13.19 -3.51
C PRO A 135 -4.27 12.36 -3.76
N SER A 136 -5.07 12.76 -4.74
CA SER A 136 -6.35 12.14 -5.00
C SER A 136 -6.31 10.60 -5.19
N GLU A 137 -7.42 9.92 -4.84
CA GLU A 137 -7.56 8.45 -4.93
C GLU A 137 -7.62 8.01 -6.40
N THR A 138 -8.33 8.80 -7.21
CA THR A 138 -8.43 8.55 -8.64
C THR A 138 -7.18 9.07 -9.42
N GLY A 139 -6.08 9.30 -8.73
CA GLY A 139 -4.83 9.73 -9.33
C GLY A 139 -4.84 11.12 -9.96
N ILE A 140 -3.89 11.35 -10.84
CA ILE A 140 -3.74 12.63 -11.53
C ILE A 140 -4.70 12.67 -12.70
N ILE A 141 -5.34 13.82 -12.94
CA ILE A 141 -6.18 14.03 -14.13
C ILE A 141 -5.69 15.32 -14.74
N GLY A 142 -5.38 15.30 -16.02
CA GLY A 142 -4.90 16.47 -16.74
C GLY A 142 -5.71 16.70 -18.00
N ILE A 143 -6.48 17.79 -18.05
CA ILE A 143 -7.34 18.10 -19.18
C ILE A 143 -7.02 19.46 -19.76
N ILE A 144 -7.20 19.63 -21.06
CA ILE A 144 -6.93 20.91 -21.72
C ILE A 144 -8.25 21.40 -22.34
N ASP A 145 -8.50 22.68 -22.16
CA ASP A 145 -9.70 23.35 -22.68
C ASP A 145 -9.79 23.23 -24.22
N PRO A 146 -10.96 23.00 -24.84
CA PRO A 146 -11.03 22.90 -26.30
C PRO A 146 -10.58 24.14 -27.09
N GLU A 147 -10.64 25.35 -26.48
CA GLU A 147 -10.15 26.57 -27.13
C GLU A 147 -8.65 26.86 -26.74
N CYS A 148 -8.01 25.98 -25.91
CA CYS A 148 -6.62 26.08 -25.42
C CYS A 148 -6.39 27.34 -24.57
N ARG A 149 -7.41 27.71 -23.76
CA ARG A 149 -7.31 28.86 -22.87
C ARG A 149 -6.66 28.49 -21.52
N MET A 150 -6.59 27.17 -21.18
CA MET A 150 -6.03 26.72 -19.90
C MET A 150 -5.86 25.20 -19.82
N ILE A 151 -5.06 24.74 -18.84
CA ILE A 151 -4.87 23.34 -18.51
C ILE A 151 -5.48 23.18 -17.14
N GLY A 152 -6.32 22.19 -16.99
CA GLY A 152 -6.94 21.87 -15.71
C GLY A 152 -6.29 20.62 -15.17
N LEU A 153 -5.91 20.61 -13.88
CA LEU A 153 -5.30 19.45 -13.25
C LEU A 153 -5.99 19.16 -11.94
N ARG A 154 -6.26 17.88 -11.67
CA ARG A 154 -6.84 17.46 -10.40
C ARG A 154 -5.79 16.51 -9.81
N LEU A 155 -4.90 17.09 -9.01
CA LEU A 155 -3.79 16.36 -8.36
C LEU A 155 -4.20 15.97 -6.94
N TYR A 156 -4.87 16.90 -6.24
CA TYR A 156 -5.28 16.72 -4.86
C TYR A 156 -6.80 16.87 -4.76
N ASP A 157 -7.38 16.18 -3.78
CA ASP A 157 -8.83 16.24 -3.54
C ASP A 157 -9.23 17.60 -2.98
N GLY A 158 -10.37 18.10 -3.43
CA GLY A 158 -10.88 19.39 -2.98
C GLY A 158 -10.28 20.61 -3.65
N LEU A 159 -9.47 20.40 -4.69
CA LEU A 159 -8.83 21.49 -5.42
C LEU A 159 -8.71 21.15 -6.89
N PHE A 160 -8.87 22.19 -7.71
CA PHE A 160 -8.73 22.11 -9.15
C PHE A 160 -7.70 23.15 -9.58
N LYS A 161 -6.49 22.70 -9.96
CA LYS A 161 -5.42 23.61 -10.38
C LYS A 161 -5.60 24.05 -11.82
N VAL A 162 -5.44 25.34 -12.10
CA VAL A 162 -5.63 25.90 -13.43
C VAL A 162 -4.36 26.61 -13.88
N ILE A 163 -3.78 26.18 -15.00
CA ILE A 163 -2.59 26.82 -15.57
C ILE A 163 -3.09 27.63 -16.77
N PRO A 164 -3.19 28.97 -16.67
CA PRO A 164 -3.65 29.75 -17.83
C PRO A 164 -2.68 29.62 -18.99
N LEU A 165 -3.19 29.34 -20.19
CA LEU A 165 -2.34 29.18 -21.36
C LEU A 165 -2.19 30.51 -22.05
N ASP A 166 -1.09 31.19 -21.72
CA ASP A 166 -0.67 32.46 -22.29
C ASP A 166 0.75 32.26 -22.81
N ARG A 167 1.17 33.07 -23.81
CA ARG A 167 2.56 33.01 -24.31
C ARG A 167 3.54 33.48 -23.21
N ASP A 168 3.08 34.40 -22.33
CA ASP A 168 3.81 34.98 -21.21
C ASP A 168 3.71 34.15 -19.88
N ASN A 169 3.43 32.84 -19.98
CA ASN A 169 3.40 31.98 -18.81
C ASN A 169 4.41 30.85 -19.04
N LYS A 170 5.66 31.23 -19.34
CA LYS A 170 6.77 30.28 -19.59
C LYS A 170 7.22 29.51 -18.32
N GLU A 171 6.78 29.98 -17.14
CA GLU A 171 7.07 29.36 -15.84
C GLU A 171 5.91 28.43 -15.39
N LEU A 172 4.77 28.43 -16.12
CA LEU A 172 3.58 27.65 -15.83
C LEU A 172 3.01 27.94 -14.43
N LYS A 173 2.76 29.22 -14.13
CA LYS A 173 2.17 29.64 -12.85
C LYS A 173 0.70 29.21 -12.84
N ALA A 174 0.23 28.70 -11.70
CA ALA A 174 -1.12 28.16 -11.58
C ALA A 174 -1.81 28.58 -10.29
N PHE A 175 -3.15 28.60 -10.31
CA PHE A 175 -3.98 28.90 -9.15
C PHE A 175 -4.95 27.77 -8.90
N ASN A 176 -5.42 27.61 -7.67
CA ASN A 176 -6.38 26.56 -7.35
C ASN A 176 -7.74 27.15 -7.11
N ILE A 177 -8.77 26.40 -7.46
CA ILE A 177 -10.15 26.76 -7.16
C ILE A 177 -10.61 25.70 -6.15
N ARG A 178 -11.31 26.12 -5.09
CA ARG A 178 -11.82 25.20 -4.07
C ARG A 178 -12.95 24.40 -4.75
N LEU A 179 -12.91 23.08 -4.59
CA LEU A 179 -13.88 22.16 -5.18
C LEU A 179 -14.57 21.43 -4.03
N GLU A 180 -15.85 21.78 -3.76
CA GLU A 180 -16.57 21.17 -2.64
C GLU A 180 -16.76 19.66 -2.82
N GLU A 181 -16.85 19.17 -4.08
CA GLU A 181 -16.95 17.74 -4.39
C GLU A 181 -15.58 17.12 -4.19
N LEU A 182 -15.36 16.47 -3.05
CA LEU A 182 -14.05 15.92 -2.74
C LEU A 182 -13.70 14.64 -3.44
N HIS A 183 -14.68 13.84 -3.87
CA HIS A 183 -14.38 12.55 -4.53
C HIS A 183 -14.75 12.54 -6.00
N VAL A 184 -13.94 13.24 -6.81
CA VAL A 184 -14.13 13.31 -8.26
C VAL A 184 -13.56 12.04 -8.90
N ILE A 185 -14.36 11.39 -9.74
CA ILE A 185 -14.00 10.15 -10.40
C ILE A 185 -13.35 10.45 -11.75
N ASP A 186 -13.97 11.29 -12.57
CA ASP A 186 -13.38 11.69 -13.86
C ASP A 186 -13.90 13.07 -14.29
N VAL A 187 -13.09 13.84 -14.99
CA VAL A 187 -13.47 15.18 -15.42
C VAL A 187 -12.91 15.47 -16.82
N LYS A 188 -13.69 16.25 -17.62
CA LYS A 188 -13.34 16.63 -18.99
C LYS A 188 -13.85 18.05 -19.24
N PHE A 189 -13.19 18.79 -20.13
CA PHE A 189 -13.69 20.11 -20.53
C PHE A 189 -14.72 19.85 -21.62
N LEU A 190 -15.88 20.50 -21.58
CA LEU A 190 -16.92 20.31 -22.59
C LEU A 190 -16.69 21.18 -23.82
N TYR A 191 -17.28 20.74 -24.95
CA TYR A 191 -17.22 21.48 -26.20
C TYR A 191 -18.46 22.37 -26.38
N GLY A 192 -18.33 23.39 -27.21
CA GLY A 192 -19.42 24.31 -27.56
C GLY A 192 -19.82 25.37 -26.54
N CYS A 193 -19.14 25.43 -25.39
CA CYS A 193 -19.50 26.36 -24.32
C CYS A 193 -18.94 27.74 -24.50
N GLN A 194 -19.73 28.77 -24.13
CA GLN A 194 -19.30 30.17 -24.21
C GLN A 194 -18.17 30.44 -23.23
N ALA A 195 -18.23 29.83 -22.03
CA ALA A 195 -17.16 29.92 -21.03
C ALA A 195 -16.52 28.51 -20.88
N PRO A 196 -15.23 28.36 -20.54
CA PRO A 196 -14.67 27.00 -20.36
C PRO A 196 -15.45 26.24 -19.29
N THR A 197 -15.98 25.06 -19.60
CA THR A 197 -16.83 24.33 -18.66
C THR A 197 -16.29 22.95 -18.43
N ILE A 198 -16.17 22.54 -17.15
CA ILE A 198 -15.74 21.19 -16.79
C ILE A 198 -16.98 20.35 -16.47
N CYS A 199 -16.96 19.08 -16.86
CA CYS A 199 -18.03 18.13 -16.62
C CYS A 199 -17.38 16.99 -15.86
N PHE A 200 -17.94 16.61 -14.69
CA PHE A 200 -17.33 15.57 -13.89
C PHE A 200 -18.30 14.68 -13.14
N VAL A 201 -17.89 13.43 -12.90
CA VAL A 201 -18.65 12.46 -12.12
C VAL A 201 -18.00 12.49 -10.76
N TYR A 202 -18.80 12.61 -9.71
CA TYR A 202 -18.29 12.59 -8.35
C TYR A 202 -19.14 11.66 -7.49
N GLN A 203 -18.61 11.27 -6.32
CA GLN A 203 -19.36 10.42 -5.40
C GLN A 203 -19.44 11.10 -4.04
N ASP A 204 -20.59 10.93 -3.40
CA ASP A 204 -20.88 11.47 -2.09
C ASP A 204 -21.74 10.40 -1.32
N PRO A 205 -22.16 10.56 -0.04
CA PRO A 205 -22.97 9.49 0.59
C PRO A 205 -24.21 9.11 -0.23
N GLN A 206 -24.97 10.14 -0.70
CA GLN A 206 -26.18 9.96 -1.52
C GLN A 206 -25.93 9.10 -2.80
N GLY A 207 -24.70 9.08 -3.36
CA GLY A 207 -24.35 8.27 -4.53
C GLY A 207 -23.51 8.99 -5.56
N ARG A 208 -23.59 8.53 -6.85
CA ARG A 208 -22.83 9.14 -7.93
C ARG A 208 -23.68 10.09 -8.73
N HIS A 209 -23.10 11.26 -9.07
CA HIS A 209 -23.78 12.35 -9.79
C HIS A 209 -22.83 12.95 -10.82
N VAL A 210 -23.38 13.65 -11.82
CA VAL A 210 -22.56 14.31 -12.83
C VAL A 210 -22.81 15.82 -12.73
N LYS A 211 -21.79 16.63 -12.43
CA LYS A 211 -21.93 18.07 -12.29
C LYS A 211 -21.11 18.85 -13.31
N THR A 212 -21.44 20.13 -13.49
CA THR A 212 -20.72 21.03 -14.39
C THR A 212 -20.38 22.35 -13.68
N TYR A 213 -19.29 22.99 -14.09
CA TYR A 213 -18.84 24.28 -13.57
C TYR A 213 -18.22 25.08 -14.69
N GLU A 214 -18.51 26.37 -14.74
CA GLU A 214 -17.84 27.26 -15.67
C GLU A 214 -16.54 27.71 -14.97
N VAL A 215 -15.45 27.93 -15.71
CA VAL A 215 -14.16 28.30 -15.11
C VAL A 215 -13.79 29.73 -15.51
N SER A 216 -13.86 30.66 -14.54
CA SER A 216 -13.53 32.06 -14.79
C SER A 216 -12.04 32.27 -14.58
N LEU A 217 -11.33 32.66 -15.63
CA LEU A 217 -9.90 32.95 -15.51
C LEU A 217 -9.71 34.33 -14.87
N ARG A 218 -10.63 35.30 -15.12
CA ARG A 218 -10.58 36.63 -14.54
C ARG A 218 -10.81 36.56 -13.03
N GLU A 219 -11.91 35.91 -12.60
CA GLU A 219 -12.25 35.78 -11.17
C GLU A 219 -11.48 34.66 -10.46
N LYS A 220 -10.82 33.75 -11.23
CA LYS A 220 -10.06 32.62 -10.71
C LYS A 220 -10.92 31.73 -9.80
N GLU A 221 -12.19 31.49 -10.23
CA GLU A 221 -13.19 30.70 -9.49
C GLU A 221 -14.14 29.97 -10.46
N PHE A 222 -15.02 29.13 -9.90
CA PHE A 222 -16.05 28.44 -10.66
C PHE A 222 -17.34 29.24 -10.59
N ASN A 223 -18.16 29.15 -11.64
CA ASN A 223 -19.51 29.74 -11.69
C ASN A 223 -20.50 28.61 -12.01
N LYS A 224 -21.80 28.81 -11.74
CA LYS A 224 -22.80 27.76 -11.98
C LYS A 224 -22.71 27.16 -13.38
N GLY A 225 -22.60 25.83 -13.45
CA GLY A 225 -22.44 25.14 -14.73
C GLY A 225 -23.71 25.14 -15.58
N PRO A 226 -23.63 24.81 -16.88
CA PRO A 226 -24.85 24.82 -17.71
C PRO A 226 -25.93 23.79 -17.35
N TRP A 227 -25.59 22.62 -16.71
CA TRP A 227 -26.65 21.66 -16.38
C TRP A 227 -26.41 20.71 -15.18
N LYS A 228 -27.55 20.19 -14.68
CA LYS A 228 -27.81 19.37 -13.48
C LYS A 228 -26.92 18.16 -13.24
N GLN A 229 -26.91 17.71 -11.97
CA GLN A 229 -26.19 16.53 -11.47
C GLN A 229 -26.94 15.20 -11.75
N GLU A 230 -28.17 15.04 -11.18
CA GLU A 230 -28.96 13.80 -11.27
C GLU A 230 -28.21 12.68 -10.55
N ASN A 231 -28.91 11.65 -10.13
CA ASN A 231 -28.28 10.53 -9.44
C ASN A 231 -27.99 9.45 -10.49
N VAL A 232 -26.86 9.62 -11.21
CA VAL A 232 -26.42 8.73 -12.29
C VAL A 232 -26.04 7.32 -11.76
N GLU A 233 -25.64 6.37 -12.66
CA GLU A 233 -25.31 4.99 -12.29
C GLU A 233 -24.32 4.92 -11.13
N ALA A 234 -24.53 3.95 -10.25
CA ALA A 234 -23.68 3.76 -9.09
C ALA A 234 -22.23 3.42 -9.43
N GLU A 235 -21.97 2.89 -10.66
CA GLU A 235 -20.64 2.53 -11.15
C GLU A 235 -20.15 3.41 -12.32
N ALA A 236 -20.77 4.61 -12.52
CA ALA A 236 -20.38 5.59 -13.53
C ALA A 236 -18.94 6.01 -13.29
N SER A 237 -18.02 5.72 -14.23
CA SER A 237 -16.60 6.01 -14.01
C SER A 237 -15.90 6.84 -15.07
N MET A 238 -16.44 6.92 -16.28
CA MET A 238 -15.76 7.58 -17.38
C MET A 238 -16.61 8.67 -18.01
N VAL A 239 -16.00 9.86 -18.20
CA VAL A 239 -16.65 11.01 -18.81
C VAL A 239 -16.02 11.20 -20.18
N ILE A 240 -16.84 11.36 -21.23
CA ILE A 240 -16.37 11.59 -22.59
C ILE A 240 -17.06 12.86 -23.08
N ALA A 241 -16.30 13.92 -23.42
CA ALA A 241 -16.91 15.16 -23.92
C ALA A 241 -17.18 14.97 -25.41
N VAL A 242 -18.44 15.18 -25.85
CA VAL A 242 -18.80 14.99 -27.25
C VAL A 242 -18.59 16.33 -27.95
N PRO A 243 -17.85 16.36 -29.07
CA PRO A 243 -17.66 17.63 -29.78
C PRO A 243 -18.92 18.11 -30.53
N GLU A 244 -18.83 19.31 -31.07
CA GLU A 244 -19.92 19.91 -31.85
C GLU A 244 -20.24 19.06 -33.10
N PRO A 245 -21.48 19.13 -33.63
CA PRO A 245 -22.61 19.97 -33.21
C PRO A 245 -23.49 19.38 -32.10
N PHE A 246 -23.25 18.13 -31.68
CA PHE A 246 -24.07 17.48 -30.66
C PHE A 246 -23.84 18.11 -29.26
N GLY A 247 -22.58 18.20 -28.83
CA GLY A 247 -22.22 18.73 -27.53
C GLY A 247 -22.49 17.76 -26.40
N GLY A 248 -22.48 18.25 -25.18
CA GLY A 248 -22.77 17.44 -24.01
C GLY A 248 -21.68 16.43 -23.68
N ALA A 249 -22.04 15.38 -22.92
CA ALA A 249 -21.10 14.35 -22.49
C ALA A 249 -21.71 12.99 -22.33
N ILE A 250 -20.93 11.94 -22.59
CA ILE A 250 -21.32 10.52 -22.45
C ILE A 250 -20.66 10.02 -21.16
N ILE A 251 -21.42 9.36 -20.31
CA ILE A 251 -20.94 8.83 -19.03
C ILE A 251 -21.10 7.31 -19.06
N ILE A 252 -19.97 6.57 -18.98
CA ILE A 252 -19.97 5.11 -19.01
C ILE A 252 -19.77 4.51 -17.63
N GLY A 253 -20.58 3.51 -17.32
CA GLY A 253 -20.49 2.79 -16.06
C GLY A 253 -20.16 1.33 -16.28
N GLN A 254 -20.77 0.45 -15.48
CA GLN A 254 -20.62 -1.00 -15.61
C GLN A 254 -21.78 -1.60 -16.41
N GLU A 255 -22.99 -1.05 -16.23
CA GLU A 255 -24.18 -1.52 -16.93
C GLU A 255 -24.63 -0.58 -18.02
N SER A 256 -24.45 0.73 -17.84
CA SER A 256 -24.99 1.72 -18.78
C SER A 256 -24.03 2.72 -19.39
N ILE A 257 -24.40 3.20 -20.60
CA ILE A 257 -23.76 4.27 -21.34
C ILE A 257 -24.89 5.32 -21.51
N THR A 258 -24.83 6.46 -20.78
CA THR A 258 -25.83 7.53 -20.84
C THR A 258 -25.27 8.79 -21.46
N TYR A 259 -26.12 9.61 -22.07
CA TYR A 259 -25.75 10.88 -22.69
C TYR A 259 -26.44 12.01 -21.96
N HIS A 260 -25.75 13.13 -21.77
CA HIS A 260 -26.30 14.28 -21.07
C HIS A 260 -25.92 15.58 -21.76
N ASN A 261 -26.92 16.37 -22.14
CA ASN A 261 -26.72 17.72 -22.65
C ASN A 261 -27.78 18.64 -22.01
N GLY A 262 -27.95 18.46 -20.70
CA GLY A 262 -28.91 19.20 -19.91
C GLY A 262 -30.30 18.66 -20.03
N ASP A 263 -31.08 19.26 -20.93
CA ASP A 263 -32.44 18.83 -21.16
C ASP A 263 -32.42 17.49 -21.93
N LYS A 264 -31.52 17.35 -22.92
CA LYS A 264 -31.39 16.09 -23.67
C LYS A 264 -30.74 14.97 -22.82
N TYR A 265 -31.46 13.84 -22.66
CA TYR A 265 -30.97 12.67 -21.94
C TYR A 265 -31.33 11.41 -22.74
N LEU A 266 -30.31 10.56 -23.00
CA LEU A 266 -30.42 9.30 -23.74
C LEU A 266 -29.71 8.22 -22.91
N ALA A 267 -30.33 7.06 -22.67
CA ALA A 267 -29.67 5.99 -21.92
C ALA A 267 -29.77 4.64 -22.61
N ILE A 268 -28.75 3.79 -22.42
CA ILE A 268 -28.74 2.42 -22.94
C ILE A 268 -28.02 1.52 -21.92
N ALA A 269 -28.47 0.26 -21.79
CA ALA A 269 -27.88 -0.76 -20.91
C ALA A 269 -27.63 -2.01 -21.74
N PRO A 270 -26.65 -1.94 -22.67
CA PRO A 270 -26.42 -3.09 -23.56
C PRO A 270 -25.94 -4.31 -22.81
N PRO A 271 -26.54 -5.49 -23.03
CA PRO A 271 -26.05 -6.69 -22.34
C PRO A 271 -24.64 -7.10 -22.75
N ILE A 272 -24.19 -6.67 -23.94
CA ILE A 272 -22.88 -7.03 -24.48
C ILE A 272 -21.71 -6.46 -23.63
N ILE A 273 -21.91 -5.28 -23.01
CA ILE A 273 -20.87 -4.67 -22.18
C ILE A 273 -20.84 -5.22 -20.74
N LYS A 274 -21.88 -5.96 -20.30
CA LYS A 274 -21.97 -6.46 -18.93
C LYS A 274 -20.90 -7.48 -18.55
N GLN A 275 -20.29 -8.17 -19.53
CA GLN A 275 -19.25 -9.19 -19.26
C GLN A 275 -17.96 -8.64 -18.64
N SER A 276 -17.52 -7.42 -19.01
CA SER A 276 -16.34 -6.80 -18.41
C SER A 276 -16.48 -5.28 -18.39
N THR A 277 -15.83 -4.62 -17.41
CA THR A 277 -15.90 -3.16 -17.25
C THR A 277 -15.18 -2.42 -18.38
N ILE A 278 -15.82 -1.40 -19.02
CA ILE A 278 -15.17 -0.62 -20.07
C ILE A 278 -14.21 0.33 -19.37
N VAL A 279 -12.90 0.29 -19.72
CA VAL A 279 -11.88 1.07 -19.01
C VAL A 279 -11.05 2.02 -19.90
N CYS A 280 -11.33 2.10 -21.20
CA CYS A 280 -10.66 3.08 -22.06
C CYS A 280 -11.48 3.36 -23.31
N HIS A 281 -11.25 4.52 -23.91
CA HIS A 281 -11.98 4.94 -25.10
C HIS A 281 -11.13 5.82 -26.04
N ASN A 282 -11.68 6.08 -27.23
CA ASN A 282 -11.06 6.98 -28.20
C ASN A 282 -12.10 7.43 -29.19
N ARG A 283 -12.03 8.69 -29.62
CA ARG A 283 -12.93 9.21 -30.63
C ARG A 283 -12.41 8.81 -32.03
N VAL A 284 -13.29 8.30 -32.89
CA VAL A 284 -12.91 7.91 -34.22
C VAL A 284 -13.21 9.08 -35.16
N ASP A 285 -14.48 9.56 -35.17
CA ASP A 285 -14.95 10.63 -36.05
C ASP A 285 -14.71 11.98 -35.37
N PRO A 286 -14.16 13.02 -36.06
CA PRO A 286 -13.92 14.31 -35.38
C PRO A 286 -15.18 14.99 -34.85
N ASN A 287 -16.32 14.75 -35.54
CA ASN A 287 -17.69 15.20 -35.19
C ASN A 287 -18.28 14.48 -33.92
N GLY A 288 -17.60 13.41 -33.47
CA GLY A 288 -17.99 12.62 -32.31
C GLY A 288 -19.11 11.65 -32.57
N SER A 289 -19.25 11.11 -33.79
CA SER A 289 -20.34 10.18 -34.06
C SER A 289 -19.97 8.76 -33.64
N ARG A 290 -18.70 8.36 -33.80
CA ARG A 290 -18.24 7.03 -33.45
C ARG A 290 -17.10 7.10 -32.45
N TYR A 291 -17.08 6.15 -31.50
CA TYR A 291 -16.09 6.02 -30.44
C TYR A 291 -15.70 4.58 -30.28
N LEU A 292 -14.43 4.31 -29.96
CA LEU A 292 -13.96 2.95 -29.69
C LEU A 292 -13.91 2.80 -28.19
N LEU A 293 -14.32 1.63 -27.69
CA LEU A 293 -14.31 1.35 -26.26
C LEU A 293 -13.60 0.03 -26.05
N GLY A 294 -12.81 -0.05 -25.00
CA GLY A 294 -12.09 -1.27 -24.66
C GLY A 294 -12.40 -1.66 -23.23
N ASP A 295 -12.52 -2.97 -22.97
CA ASP A 295 -12.78 -3.46 -21.63
C ASP A 295 -11.56 -4.15 -21.03
N MET A 296 -11.66 -4.55 -19.78
CA MET A 296 -10.56 -5.18 -19.06
C MET A 296 -10.19 -6.57 -19.58
N GLU A 297 -10.98 -7.15 -20.50
CA GLU A 297 -10.72 -8.48 -21.05
C GLU A 297 -10.33 -8.46 -22.54
N GLY A 298 -9.90 -7.30 -23.05
CA GLY A 298 -9.47 -7.17 -24.43
C GLY A 298 -10.56 -7.01 -25.47
N ARG A 299 -11.86 -7.04 -25.10
CA ARG A 299 -12.93 -6.83 -26.08
C ARG A 299 -12.85 -5.37 -26.57
N LEU A 300 -13.12 -5.18 -27.85
CA LEU A 300 -13.12 -3.86 -28.47
C LEU A 300 -14.52 -3.64 -29.03
N PHE A 301 -15.16 -2.54 -28.63
CA PHE A 301 -16.49 -2.19 -29.09
C PHE A 301 -16.50 -0.88 -29.84
N MET A 302 -17.55 -0.65 -30.61
CA MET A 302 -17.77 0.59 -31.31
C MET A 302 -19.04 1.18 -30.76
N LEU A 303 -18.98 2.41 -30.25
CA LEU A 303 -20.12 3.15 -29.74
C LEU A 303 -20.49 4.13 -30.80
N LEU A 304 -21.74 4.08 -31.24
CA LEU A 304 -22.21 4.96 -32.30
C LEU A 304 -23.36 5.76 -31.77
N LEU A 305 -23.27 7.11 -31.81
CA LEU A 305 -24.43 7.92 -31.43
C LEU A 305 -25.14 8.29 -32.76
N GLU A 306 -26.30 7.64 -32.98
CA GLU A 306 -27.11 7.74 -34.19
C GLU A 306 -27.66 9.14 -34.36
N LYS A 307 -27.13 9.89 -35.33
CA LYS A 307 -27.61 11.24 -35.60
C LYS A 307 -28.84 11.14 -36.51
N GLU A 308 -30.05 11.47 -35.99
CA GLU A 308 -31.31 11.43 -36.77
C GLU A 308 -31.54 12.82 -37.38
N GLU A 309 -32.12 12.85 -38.60
CA GLU A 309 -32.30 14.10 -39.34
C GLU A 309 -33.75 14.49 -39.63
N GLN A 310 -34.38 15.26 -38.70
CA GLN A 310 -35.74 15.77 -38.88
C GLN A 310 -35.75 16.97 -39.90
N MET A 311 -36.94 17.50 -40.27
CA MET A 311 -37.05 18.57 -41.27
C MET A 311 -36.48 19.91 -40.74
N ASP A 312 -37.09 20.52 -39.71
CA ASP A 312 -36.49 21.72 -39.11
C ASP A 312 -35.22 21.24 -38.35
N GLY A 313 -35.42 20.47 -37.27
CA GLY A 313 -34.37 19.96 -36.40
C GLY A 313 -33.59 18.84 -37.04
N THR A 314 -32.64 19.22 -37.87
CA THR A 314 -31.84 18.26 -38.63
C THR A 314 -30.69 17.65 -37.73
N VAL A 315 -30.43 18.20 -36.50
CA VAL A 315 -29.35 17.74 -35.60
C VAL A 315 -29.87 16.87 -34.39
N THR A 316 -30.89 16.00 -34.59
CA THR A 316 -31.41 15.16 -33.49
C THR A 316 -30.44 13.99 -33.19
N LEU A 317 -30.50 13.41 -31.98
CA LEU A 317 -29.70 12.22 -31.62
C LEU A 317 -30.69 11.19 -31.15
N LYS A 318 -31.15 10.34 -32.07
CA LYS A 318 -32.19 9.37 -31.76
C LYS A 318 -31.79 8.28 -30.77
N ASP A 319 -30.57 7.69 -30.88
CA ASP A 319 -30.21 6.57 -29.98
C ASP A 319 -28.72 6.29 -29.91
N LEU A 320 -28.29 5.47 -28.93
CA LEU A 320 -26.91 5.01 -28.75
C LEU A 320 -26.82 3.51 -29.09
N ARG A 321 -25.71 3.09 -29.69
CA ARG A 321 -25.49 1.70 -30.06
C ARG A 321 -24.11 1.26 -29.72
N VAL A 322 -23.96 -0.02 -29.38
CA VAL A 322 -22.67 -0.63 -29.07
C VAL A 322 -22.56 -1.87 -29.95
N GLU A 323 -21.40 -2.08 -30.60
CA GLU A 323 -21.14 -3.23 -31.46
C GLU A 323 -19.83 -3.87 -31.04
N LEU A 324 -19.80 -5.18 -30.76
CA LEU A 324 -18.54 -5.83 -30.39
C LEU A 324 -17.75 -6.06 -31.66
N LEU A 325 -16.63 -5.34 -31.82
CA LEU A 325 -15.80 -5.42 -33.00
C LEU A 325 -14.94 -6.67 -33.01
N GLY A 326 -14.38 -7.01 -31.87
CA GLY A 326 -13.52 -8.17 -31.75
C GLY A 326 -12.63 -8.11 -30.55
N GLU A 327 -11.63 -8.99 -30.50
CA GLU A 327 -10.70 -9.06 -29.39
C GLU A 327 -9.32 -8.54 -29.78
N THR A 328 -8.72 -7.74 -28.89
CA THR A 328 -7.36 -7.22 -29.01
C THR A 328 -6.60 -7.64 -27.71
N SER A 329 -5.33 -7.22 -27.55
CA SER A 329 -4.61 -7.42 -26.31
C SER A 329 -5.32 -6.56 -25.25
N ILE A 330 -5.25 -6.91 -23.95
CA ILE A 330 -5.93 -6.13 -22.90
C ILE A 330 -5.44 -4.66 -22.96
N ALA A 331 -6.30 -3.76 -23.46
CA ALA A 331 -5.90 -2.39 -23.74
C ALA A 331 -5.89 -1.45 -22.56
N GLU A 332 -4.78 -0.73 -22.41
CA GLU A 332 -4.61 0.38 -21.47
C GLU A 332 -5.06 1.67 -22.16
N CYS A 333 -4.84 1.78 -23.49
CA CYS A 333 -5.24 2.95 -24.24
C CYS A 333 -5.38 2.62 -25.72
N LEU A 334 -6.42 3.14 -26.33
CA LEU A 334 -6.69 2.95 -27.74
C LEU A 334 -6.47 4.28 -28.43
N THR A 335 -6.19 4.24 -29.73
CA THR A 335 -6.09 5.44 -30.56
C THR A 335 -6.36 5.07 -32.02
N TYR A 336 -7.39 5.68 -32.64
CA TYR A 336 -7.70 5.44 -34.05
C TYR A 336 -6.71 6.28 -34.87
N LEU A 337 -6.06 5.67 -35.86
CA LEU A 337 -5.08 6.35 -36.67
C LEU A 337 -5.71 6.82 -38.00
N ASP A 338 -6.03 5.89 -38.90
CA ASP A 338 -6.68 6.21 -40.17
C ASP A 338 -6.72 4.97 -41.05
N ASN A 339 -7.74 4.88 -41.90
CA ASN A 339 -7.95 3.75 -42.81
C ASN A 339 -8.21 2.46 -42.02
N GLY A 340 -9.04 2.58 -41.00
CA GLY A 340 -9.37 1.45 -40.16
C GLY A 340 -8.28 1.03 -39.20
N VAL A 341 -7.05 1.60 -39.27
CA VAL A 341 -5.98 1.19 -38.36
C VAL A 341 -6.12 1.86 -37.02
N VAL A 342 -5.97 1.04 -35.96
CA VAL A 342 -6.08 1.42 -34.56
C VAL A 342 -4.86 0.89 -33.84
N PHE A 343 -4.22 1.73 -33.02
CA PHE A 343 -3.10 1.31 -32.20
C PHE A 343 -3.66 0.97 -30.80
N VAL A 344 -3.36 -0.25 -30.33
CA VAL A 344 -3.78 -0.77 -29.04
C VAL A 344 -2.55 -0.71 -28.11
N GLY A 345 -2.56 0.20 -27.16
CA GLY A 345 -1.50 0.33 -26.17
C GLY A 345 -1.82 -0.61 -25.03
N SER A 346 -0.92 -1.57 -24.74
CA SER A 346 -1.17 -2.55 -23.69
C SER A 346 -0.15 -2.50 -22.55
N ARG A 347 -0.63 -2.72 -21.32
CA ARG A 347 0.23 -2.78 -20.13
C ARG A 347 0.46 -4.23 -19.74
N LEU A 348 -0.54 -5.12 -19.94
CA LEU A 348 -0.47 -6.54 -19.61
C LEU A 348 0.07 -7.47 -20.69
N GLY A 349 -0.01 -7.06 -21.93
CA GLY A 349 0.47 -7.87 -23.05
C GLY A 349 1.13 -7.03 -24.11
N ASP A 350 1.37 -7.67 -25.26
CA ASP A 350 1.98 -6.97 -26.37
C ASP A 350 1.05 -5.89 -26.90
N SER A 351 1.61 -4.75 -27.32
CA SER A 351 0.81 -3.71 -27.95
C SER A 351 0.58 -4.14 -29.42
N GLN A 352 -0.45 -3.64 -30.06
CA GLN A 352 -0.79 -4.03 -31.41
C GLN A 352 -1.17 -2.86 -32.28
N LEU A 353 -1.16 -3.10 -33.58
CA LEU A 353 -1.72 -2.25 -34.61
C LEU A 353 -2.73 -3.18 -35.21
N VAL A 354 -4.02 -2.85 -35.12
CA VAL A 354 -5.06 -3.70 -35.68
C VAL A 354 -5.82 -2.95 -36.76
N LYS A 355 -6.29 -3.70 -37.77
CA LYS A 355 -7.06 -3.16 -38.87
C LYS A 355 -8.51 -3.46 -38.54
N LEU A 356 -9.33 -2.41 -38.35
CA LEU A 356 -10.76 -2.51 -38.09
C LEU A 356 -11.29 -2.75 -39.50
N ASN A 357 -11.46 -4.02 -39.81
CA ASN A 357 -11.88 -4.45 -41.13
C ASN A 357 -13.33 -4.02 -41.38
N VAL A 358 -13.55 -3.28 -42.49
CA VAL A 358 -14.86 -2.76 -42.91
C VAL A 358 -15.85 -3.90 -42.99
N ASP A 359 -17.01 -3.78 -42.29
CA ASP A 359 -18.10 -4.77 -42.25
C ASP A 359 -17.74 -6.19 -42.82
N SER A 360 -17.22 -7.03 -41.93
CA SER A 360 -16.76 -8.34 -42.30
C SER A 360 -17.10 -9.32 -41.21
N ASN A 361 -17.82 -10.38 -41.59
CA ASN A 361 -18.12 -11.51 -40.70
C ASN A 361 -16.79 -12.10 -40.11
N GLU A 362 -15.94 -12.78 -40.94
CA GLU A 362 -14.67 -13.39 -40.56
C GLU A 362 -14.88 -14.32 -39.36
N GLN A 363 -15.99 -15.09 -39.36
CA GLN A 363 -16.39 -15.99 -38.27
C GLN A 363 -16.50 -15.21 -36.93
N GLY A 364 -17.30 -14.14 -36.95
CA GLY A 364 -17.54 -13.29 -35.79
C GLY A 364 -16.82 -11.95 -35.73
N SER A 365 -15.48 -11.96 -35.67
CA SER A 365 -14.67 -10.74 -35.48
C SER A 365 -14.48 -9.86 -36.74
N TYR A 366 -14.22 -8.57 -36.48
CA TYR A 366 -13.91 -7.50 -37.45
C TYR A 366 -12.46 -7.00 -37.30
N VAL A 367 -11.82 -7.23 -36.13
CA VAL A 367 -10.46 -6.78 -35.85
C VAL A 367 -9.46 -7.81 -36.36
N VAL A 368 -8.49 -7.37 -37.19
CA VAL A 368 -7.43 -8.22 -37.77
C VAL A 368 -6.09 -7.62 -37.37
N ALA A 369 -5.18 -8.42 -36.81
CA ALA A 369 -3.88 -7.88 -36.37
C ALA A 369 -2.96 -7.55 -37.56
N MET A 370 -2.25 -6.42 -37.47
CA MET A 370 -1.28 -6.01 -38.49
C MET A 370 0.10 -6.23 -37.92
N GLU A 371 0.40 -5.63 -36.76
CA GLU A 371 1.68 -5.78 -36.11
C GLU A 371 1.47 -6.10 -34.66
N THR A 372 2.50 -6.66 -34.04
CA THR A 372 2.52 -6.92 -32.59
C THR A 372 3.87 -6.34 -32.10
N PHE A 373 3.84 -5.60 -30.99
CA PHE A 373 5.03 -4.95 -30.44
C PHE A 373 5.32 -5.54 -29.08
N THR A 374 6.55 -6.02 -28.90
CA THR A 374 7.00 -6.67 -27.67
C THR A 374 6.77 -5.84 -26.40
N ASN A 375 6.19 -6.49 -25.38
CA ASN A 375 5.99 -5.93 -24.05
C ASN A 375 6.38 -7.02 -23.05
N LEU A 376 7.49 -6.82 -22.35
CA LEU A 376 7.94 -7.77 -21.34
C LEU A 376 7.16 -7.64 -20.00
N GLY A 377 6.43 -6.54 -19.82
CA GLY A 377 5.73 -6.29 -18.59
C GLY A 377 4.34 -6.89 -18.46
N PRO A 378 3.94 -7.13 -17.21
CA PRO A 378 4.73 -7.04 -15.99
C PRO A 378 5.67 -8.23 -15.87
N ILE A 379 6.90 -8.03 -15.39
CA ILE A 379 7.82 -9.14 -15.14
C ILE A 379 7.54 -9.48 -13.68
N VAL A 380 6.79 -10.56 -13.40
CA VAL A 380 6.45 -10.96 -12.02
C VAL A 380 7.50 -11.89 -11.40
N ASP A 381 8.27 -12.61 -12.23
CA ASP A 381 9.40 -13.45 -11.80
C ASP A 381 10.35 -13.70 -12.97
N MET A 382 11.58 -14.14 -12.69
CA MET A 382 12.57 -14.44 -13.70
C MET A 382 13.71 -15.29 -13.14
N CYS A 383 14.52 -15.86 -14.02
CA CYS A 383 15.68 -16.65 -13.63
C CYS A 383 16.73 -16.60 -14.75
N VAL A 384 18.01 -16.69 -14.36
CA VAL A 384 19.11 -16.67 -15.32
C VAL A 384 19.55 -18.12 -15.57
N VAL A 385 19.91 -18.42 -16.81
CA VAL A 385 20.27 -19.77 -17.21
C VAL A 385 21.33 -19.71 -18.32
N ASP A 386 22.47 -20.39 -18.12
CA ASP A 386 23.59 -20.47 -19.08
C ASP A 386 23.15 -20.98 -20.45
N LEU A 387 22.18 -21.94 -20.46
CA LEU A 387 21.57 -22.59 -21.63
C LEU A 387 22.66 -23.04 -22.67
N GLU A 388 22.62 -22.60 -23.96
CA GLU A 388 23.63 -23.01 -24.96
C GLU A 388 25.06 -22.62 -24.53
N ARG A 389 26.01 -23.58 -24.64
CA ARG A 389 27.39 -23.44 -24.21
C ARG A 389 27.36 -23.25 -22.67
N GLN A 390 27.35 -22.00 -22.17
CA GLN A 390 27.29 -21.68 -20.74
C GLN A 390 27.73 -20.21 -20.51
N GLY A 391 28.82 -19.80 -21.18
CA GLY A 391 29.44 -18.48 -21.09
C GLY A 391 28.49 -17.30 -21.00
N GLN A 392 27.68 -17.14 -22.04
CA GLN A 392 26.67 -16.08 -22.07
C GLN A 392 25.38 -16.60 -21.42
N GLY A 393 24.90 -15.87 -20.42
CA GLY A 393 23.66 -16.19 -19.73
C GLY A 393 22.44 -15.68 -20.47
N GLN A 394 21.32 -16.38 -20.32
CA GLN A 394 20.02 -16.03 -20.90
C GLN A 394 19.03 -15.78 -19.72
N LEU A 395 18.09 -14.84 -19.86
CA LEU A 395 17.13 -14.51 -18.80
C LEU A 395 15.74 -14.96 -19.22
N VAL A 396 15.06 -15.77 -18.39
CA VAL A 396 13.73 -16.27 -18.74
C VAL A 396 12.74 -15.68 -17.74
N THR A 397 11.84 -14.81 -18.22
CA THR A 397 10.87 -14.10 -17.38
C THR A 397 9.46 -14.68 -17.45
N CYS A 398 8.67 -14.39 -16.40
CA CYS A 398 7.25 -14.65 -16.30
C CYS A 398 6.64 -13.29 -16.63
N SER A 399 6.19 -13.11 -17.88
CA SER A 399 5.66 -11.84 -18.38
C SER A 399 4.17 -11.91 -18.68
N GLY A 400 3.52 -10.75 -18.62
CA GLY A 400 2.08 -10.68 -18.89
C GLY A 400 1.23 -11.18 -17.75
N ALA A 401 -0.07 -11.21 -18.00
CA ALA A 401 -1.06 -11.73 -17.06
C ALA A 401 -2.32 -12.09 -17.84
N PHE A 402 -3.06 -13.09 -17.38
CA PHE A 402 -4.28 -13.56 -18.04
C PHE A 402 -3.96 -14.09 -19.46
N LYS A 403 -4.85 -13.93 -20.48
CA LYS A 403 -4.59 -14.40 -21.84
C LYS A 403 -3.27 -13.84 -22.42
N GLU A 404 -2.75 -12.75 -21.84
CA GLU A 404 -1.50 -12.14 -22.27
C GLU A 404 -0.24 -12.81 -21.69
N GLY A 405 -0.42 -13.77 -20.79
CA GLY A 405 0.66 -14.50 -20.15
C GLY A 405 1.60 -15.19 -21.11
N SER A 406 2.91 -15.11 -20.80
CA SER A 406 3.95 -15.68 -21.64
C SER A 406 5.25 -15.86 -20.86
N LEU A 407 6.20 -16.57 -21.45
CA LEU A 407 7.56 -16.61 -20.98
C LEU A 407 8.35 -15.85 -22.03
N ARG A 408 9.37 -15.11 -21.61
CA ARG A 408 10.20 -14.37 -22.55
C ARG A 408 11.64 -14.76 -22.30
N ILE A 409 12.36 -15.16 -23.36
CA ILE A 409 13.77 -15.53 -23.25
C ILE A 409 14.59 -14.36 -23.83
N ILE A 410 15.30 -13.65 -22.94
CA ILE A 410 16.09 -12.47 -23.28
C ILE A 410 17.59 -12.80 -23.29
N ARG A 411 18.25 -12.59 -24.43
CA ARG A 411 19.69 -12.81 -24.60
C ARG A 411 20.32 -11.54 -25.22
N ASN A 412 21.63 -11.40 -25.09
CA ASN A 412 22.33 -10.29 -25.74
C ASN A 412 22.57 -10.66 -27.22
N GLY A 413 22.34 -9.72 -28.14
CA GLY A 413 22.53 -9.97 -29.55
C GLY A 413 23.99 -10.10 -29.95
N LYS A 425 21.79 -4.91 -29.21
CA LYS A 425 20.39 -4.98 -28.81
C LYS A 425 20.05 -6.33 -28.17
N LEU A 426 18.99 -6.34 -27.34
CA LEU A 426 18.54 -7.57 -26.69
C LEU A 426 17.63 -8.36 -27.61
N HIS A 427 17.91 -9.66 -27.79
CA HIS A 427 17.09 -10.54 -28.59
C HIS A 427 16.10 -11.26 -27.67
N ILE A 428 14.80 -11.12 -27.95
CA ILE A 428 13.72 -11.67 -27.14
C ILE A 428 12.89 -12.69 -27.92
N ARG A 429 12.72 -13.88 -27.33
CA ARG A 429 11.90 -14.96 -27.87
C ARG A 429 10.65 -15.04 -26.97
N THR A 430 9.47 -15.16 -27.56
CA THR A 430 8.21 -15.20 -26.80
C THR A 430 7.56 -16.57 -26.85
N VAL A 431 6.99 -17.01 -25.72
CA VAL A 431 6.31 -18.30 -25.60
C VAL A 431 4.94 -18.01 -25.01
N PRO A 432 3.88 -17.81 -25.84
CA PRO A 432 2.56 -17.50 -25.26
C PRO A 432 1.97 -18.66 -24.47
N LEU A 433 1.45 -18.40 -23.25
CA LEU A 433 0.84 -19.43 -22.39
C LEU A 433 -0.69 -19.28 -22.30
N TYR A 434 -1.24 -18.08 -22.60
CA TYR A 434 -2.69 -17.76 -22.54
C TYR A 434 -3.26 -17.89 -21.12
N GLU A 435 -2.39 -17.77 -20.13
CA GLU A 435 -2.67 -17.80 -18.71
C GLU A 435 -1.50 -17.15 -17.96
N SER A 436 -1.73 -16.79 -16.70
CA SER A 436 -0.76 -16.06 -15.92
C SER A 436 0.44 -16.86 -15.45
N PRO A 437 1.67 -16.64 -15.98
CA PRO A 437 2.83 -17.26 -15.35
C PRO A 437 3.10 -16.52 -14.04
N ARG A 438 3.47 -17.23 -12.97
CA ARG A 438 3.65 -16.61 -11.68
C ARG A 438 5.07 -16.77 -11.11
N LYS A 439 5.64 -17.97 -11.13
CA LYS A 439 6.99 -18.23 -10.62
C LYS A 439 7.73 -19.15 -11.56
N ILE A 440 9.06 -19.06 -11.59
CA ILE A 440 9.87 -19.87 -12.49
C ILE A 440 11.22 -20.23 -11.89
N CYS A 441 11.66 -21.45 -12.18
CA CYS A 441 12.95 -21.97 -11.78
C CYS A 441 13.40 -23.01 -12.82
N TYR A 442 14.70 -23.09 -13.03
CA TYR A 442 15.29 -23.97 -14.02
C TYR A 442 15.84 -25.22 -13.34
N GLN A 443 15.66 -26.38 -13.97
CA GLN A 443 16.17 -27.65 -13.47
C GLN A 443 17.07 -28.22 -14.55
N GLU A 444 18.38 -27.93 -14.42
CA GLU A 444 19.42 -28.32 -15.37
C GLU A 444 19.44 -29.82 -15.66
N VAL A 445 19.25 -30.62 -14.60
CA VAL A 445 19.31 -32.08 -14.69
C VAL A 445 18.26 -32.62 -15.67
N SER A 446 16.99 -32.24 -15.50
CA SER A 446 15.90 -32.68 -16.38
C SER A 446 15.77 -31.83 -17.66
N GLN A 447 16.61 -30.77 -17.83
CA GLN A 447 16.62 -29.91 -19.03
C GLN A 447 15.25 -29.30 -19.29
N CYS A 448 14.68 -28.75 -18.23
CA CYS A 448 13.35 -28.16 -18.26
C CYS A 448 13.22 -27.07 -17.18
N PHE A 449 12.13 -26.31 -17.28
CA PHE A 449 11.76 -25.25 -16.35
C PHE A 449 10.51 -25.68 -15.64
N GLY A 450 10.38 -25.21 -14.41
CA GLY A 450 9.20 -25.39 -13.60
C GLY A 450 8.53 -24.03 -13.53
N VAL A 451 7.25 -23.94 -13.91
CA VAL A 451 6.53 -22.68 -13.91
C VAL A 451 5.20 -22.82 -13.16
N LEU A 452 4.99 -22.04 -12.09
CA LEU A 452 3.70 -22.02 -11.41
C LEU A 452 2.83 -21.07 -12.25
N SER A 453 1.62 -21.47 -12.60
CA SER A 453 0.72 -20.63 -13.38
C SER A 453 -0.68 -20.68 -12.81
N SER A 454 -1.53 -19.76 -13.24
CA SER A 454 -2.92 -19.76 -12.83
C SER A 454 -3.81 -19.37 -13.99
N ARG A 455 -4.99 -19.96 -14.02
CA ARG A 455 -5.99 -19.66 -15.03
C ARG A 455 -7.35 -19.42 -14.36
N ILE A 456 -8.18 -18.60 -14.98
CA ILE A 456 -9.51 -18.29 -14.49
C ILE A 456 -10.51 -19.23 -15.15
N GLU A 457 -11.38 -19.86 -14.37
CA GLU A 457 -12.47 -20.71 -14.83
C GLU A 457 -13.75 -20.12 -14.21
N VAL A 458 -14.85 -20.11 -14.94
CA VAL A 458 -16.10 -19.57 -14.43
C VAL A 458 -16.98 -20.68 -13.91
N GLN A 459 -17.71 -20.40 -12.82
CA GLN A 459 -18.57 -21.39 -12.23
C GLN A 459 -19.79 -21.60 -13.11
N ASP A 460 -20.19 -22.85 -13.25
CA ASP A 460 -21.33 -23.22 -14.06
C ASP A 460 -22.60 -23.12 -13.23
N THR A 461 -23.68 -22.65 -13.86
CA THR A 461 -25.02 -22.66 -13.25
C THR A 461 -25.43 -24.17 -13.03
N SER A 462 -25.00 -25.04 -13.96
CA SER A 462 -25.21 -26.49 -13.97
C SER A 462 -24.41 -27.27 -12.89
N GLY A 463 -23.29 -26.71 -12.43
CA GLY A 463 -22.40 -27.32 -11.44
C GLY A 463 -21.01 -27.55 -12.00
N GLY A 464 -19.98 -27.08 -11.30
CA GLY A 464 -18.58 -27.20 -11.70
C GLY A 464 -18.01 -25.91 -12.27
N THR A 465 -16.84 -25.95 -12.95
CA THR A 465 -16.23 -24.75 -13.56
C THR A 465 -15.75 -25.02 -14.98
N THR A 466 -15.86 -23.98 -15.83
CA THR A 466 -15.50 -24.03 -17.25
C THR A 466 -14.37 -23.04 -17.57
N ALA A 467 -13.33 -23.49 -18.31
CA ALA A 467 -12.22 -22.62 -18.73
C ALA A 467 -12.68 -21.65 -19.79
N LEU A 468 -12.02 -20.52 -19.89
CA LEU A 468 -12.41 -19.47 -20.84
C LEU A 468 -11.76 -19.67 -22.21
N ARG A 469 -10.56 -20.23 -22.25
CA ARG A 469 -9.84 -20.46 -23.50
C ARG A 469 -8.84 -21.58 -23.27
N PRO A 470 -8.35 -22.26 -24.33
CA PRO A 470 -7.29 -23.25 -24.10
C PRO A 470 -6.02 -22.52 -23.69
N SER A 471 -5.33 -23.04 -22.69
CA SER A 471 -4.10 -22.43 -22.20
C SER A 471 -3.08 -23.51 -21.85
N ALA A 472 -1.84 -23.10 -21.54
CA ALA A 472 -0.74 -24.01 -21.23
C ALA A 472 -1.11 -25.16 -20.27
N SER A 473 -1.84 -24.86 -19.19
CA SER A 473 -2.24 -25.86 -18.19
C SER A 473 -3.36 -26.79 -18.66
N THR A 474 -4.13 -26.42 -19.69
CA THR A 474 -5.14 -27.31 -20.27
C THR A 474 -4.64 -27.96 -21.56
N GLN A 475 -3.47 -27.56 -22.11
CA GLN A 475 -2.93 -28.11 -23.36
C GLN A 475 -1.57 -28.78 -23.16
N ALA A 476 -1.29 -29.33 -21.97
CA ALA A 476 -0.04 -30.05 -21.74
C ALA A 476 -0.11 -31.43 -22.42
N LEU A 477 1.07 -32.01 -22.74
CA LEU A 477 1.19 -33.33 -23.36
C LEU A 477 0.63 -34.37 -22.36
N SER A 478 1.06 -34.27 -21.09
CA SER A 478 0.61 -35.11 -19.99
C SER A 478 0.09 -34.22 -18.85
N SER A 479 -0.84 -34.73 -18.07
CA SER A 479 -1.40 -33.96 -16.97
C SER A 479 -1.69 -34.82 -15.74
N SER A 480 -1.81 -34.17 -14.58
CA SER A 480 -2.11 -34.85 -13.31
C SER A 480 -2.80 -33.87 -12.32
N VAL A 481 -3.50 -34.41 -11.31
CA VAL A 481 -4.17 -33.61 -10.28
C VAL A 481 -3.75 -34.10 -8.91
N SER A 482 -3.75 -33.20 -7.92
CA SER A 482 -3.37 -33.57 -6.57
C SER A 482 -4.46 -34.37 -5.89
N SER A 483 -4.04 -35.30 -5.01
CA SER A 483 -4.94 -36.12 -4.20
C SER A 483 -5.20 -35.36 -2.90
N SER A 484 -6.45 -35.35 -2.45
CA SER A 484 -6.91 -34.61 -1.26
C SER A 484 -6.45 -35.19 0.10
N LYS A 485 -6.06 -34.29 1.04
CA LYS A 485 -5.65 -34.64 2.41
C LYS A 485 -6.33 -33.72 3.46
N LEU A 486 -7.60 -33.37 3.19
CA LEU A 486 -8.43 -32.53 4.05
C LEU A 486 -9.80 -33.16 4.20
N PHE A 498 -23.95 -19.62 -11.62
CA PHE A 498 -23.28 -18.85 -10.56
C PHE A 498 -22.33 -17.84 -11.18
N GLY A 499 -21.63 -18.24 -12.26
CA GLY A 499 -20.73 -17.38 -13.03
C GLY A 499 -19.55 -16.75 -12.30
N GLU A 500 -19.29 -17.16 -11.02
CA GLU A 500 -18.18 -16.64 -10.21
C GLU A 500 -16.83 -17.10 -10.76
N GLU A 501 -15.85 -16.19 -10.82
CA GLU A 501 -14.53 -16.54 -11.33
C GLU A 501 -13.74 -17.30 -10.28
N VAL A 502 -13.08 -18.39 -10.71
CA VAL A 502 -12.32 -19.33 -9.89
C VAL A 502 -10.90 -19.38 -10.44
N GLU A 503 -9.90 -19.34 -9.57
CA GLU A 503 -8.52 -19.37 -9.99
C GLU A 503 -8.02 -20.78 -9.77
N VAL A 504 -7.53 -21.44 -10.84
CA VAL A 504 -7.00 -22.80 -10.77
C VAL A 504 -5.46 -22.74 -10.91
N HIS A 505 -4.72 -23.27 -9.92
CA HIS A 505 -3.25 -23.22 -9.90
C HIS A 505 -2.63 -24.49 -10.41
N ASN A 506 -1.49 -24.37 -11.10
CA ASN A 506 -0.79 -25.50 -11.74
C ASN A 506 0.74 -25.36 -11.71
N LEU A 507 1.45 -26.48 -11.84
CA LEU A 507 2.89 -26.50 -11.98
C LEU A 507 3.10 -27.05 -13.37
N LEU A 508 3.70 -26.23 -14.26
CA LEU A 508 3.97 -26.61 -15.63
C LEU A 508 5.44 -27.02 -15.77
N ILE A 509 5.68 -28.10 -16.51
CA ILE A 509 7.01 -28.58 -16.82
C ILE A 509 7.17 -28.21 -18.30
N ILE A 510 8.11 -27.33 -18.59
CA ILE A 510 8.33 -26.79 -19.92
C ILE A 510 9.72 -27.14 -20.38
N ASP A 511 9.83 -27.79 -21.56
CA ASP A 511 11.10 -28.21 -22.16
C ASP A 511 11.99 -26.99 -22.43
N GLN A 512 13.28 -27.02 -22.03
CA GLN A 512 14.16 -25.87 -22.20
C GLN A 512 14.55 -25.54 -23.65
N HIS A 513 14.45 -26.52 -24.57
CA HIS A 513 14.84 -26.31 -25.98
C HIS A 513 13.68 -25.82 -26.83
N THR A 514 12.55 -26.55 -26.76
CA THR A 514 11.35 -26.31 -27.56
C THR A 514 10.34 -25.38 -26.87
N PHE A 515 10.37 -25.32 -25.53
CA PHE A 515 9.42 -24.57 -24.71
C PHE A 515 8.00 -25.14 -24.81
N GLU A 516 7.90 -26.44 -25.05
CA GLU A 516 6.64 -27.17 -25.11
C GLU A 516 6.23 -27.52 -23.66
N VAL A 517 4.91 -27.53 -23.39
CA VAL A 517 4.39 -27.85 -22.07
C VAL A 517 4.30 -29.38 -21.98
N LEU A 518 5.37 -29.98 -21.44
CA LEU A 518 5.49 -31.43 -21.31
C LEU A 518 4.48 -31.98 -20.31
N HIS A 519 4.33 -31.34 -19.15
CA HIS A 519 3.39 -31.78 -18.12
C HIS A 519 2.76 -30.59 -17.43
N ALA A 520 1.54 -30.78 -16.92
CA ALA A 520 0.84 -29.79 -16.12
C ALA A 520 0.19 -30.50 -14.93
N HIS A 521 0.56 -30.09 -13.71
CA HIS A 521 0.00 -30.66 -12.50
C HIS A 521 -0.92 -29.65 -11.85
N GLN A 522 -2.19 -30.02 -11.66
CA GLN A 522 -3.18 -29.14 -11.06
C GLN A 522 -3.23 -29.32 -9.54
N PHE A 523 -3.19 -28.21 -8.82
CA PHE A 523 -3.27 -28.24 -7.36
C PHE A 523 -4.73 -28.41 -6.89
N LEU A 524 -4.92 -28.62 -5.57
CA LEU A 524 -6.23 -28.86 -4.95
C LEU A 524 -7.17 -27.68 -5.06
N GLN A 525 -8.46 -27.93 -4.80
CA GLN A 525 -9.48 -26.89 -4.85
C GLN A 525 -9.19 -25.90 -3.71
N ASN A 526 -9.24 -24.58 -4.02
CA ASN A 526 -8.93 -23.51 -3.07
C ASN A 526 -7.43 -23.44 -2.66
N GLU A 527 -6.56 -24.25 -3.29
CA GLU A 527 -5.14 -24.22 -2.99
C GLU A 527 -4.46 -23.18 -3.91
N TYR A 528 -3.71 -22.26 -3.31
CA TYR A 528 -3.00 -21.19 -4.00
C TYR A 528 -1.50 -21.48 -3.94
N ALA A 529 -0.85 -21.70 -5.11
CA ALA A 529 0.58 -21.99 -5.19
C ALA A 529 1.35 -20.70 -5.04
N LEU A 530 2.21 -20.59 -4.01
CA LEU A 530 2.94 -19.36 -3.69
C LEU A 530 4.43 -19.35 -4.00
N SER A 531 5.13 -20.44 -3.69
CA SER A 531 6.59 -20.51 -3.86
C SER A 531 7.04 -21.77 -4.60
N LEU A 532 8.18 -21.67 -5.33
CA LEU A 532 8.75 -22.76 -6.16
C LEU A 532 10.28 -22.77 -6.08
N VAL A 533 10.88 -23.97 -5.93
CA VAL A 533 12.32 -24.17 -5.83
C VAL A 533 12.71 -25.45 -6.59
N SER A 534 13.92 -25.47 -7.17
CA SER A 534 14.48 -26.65 -7.85
C SER A 534 15.83 -26.91 -7.21
N CYS A 535 15.99 -28.06 -6.52
CA CYS A 535 17.25 -28.33 -5.82
C CYS A 535 17.37 -29.80 -5.38
N LYS A 536 18.54 -30.14 -4.80
CA LYS A 536 18.86 -31.43 -4.21
C LYS A 536 18.87 -31.19 -2.69
N LEU A 537 18.31 -32.11 -1.91
CA LEU A 537 18.29 -31.98 -0.45
C LEU A 537 18.90 -33.20 0.21
N GLY A 538 19.48 -32.99 1.40
CA GLY A 538 20.14 -34.03 2.21
C GLY A 538 21.19 -34.81 1.43
N LYS A 539 21.23 -36.14 1.65
CA LYS A 539 22.14 -37.00 0.92
C LYS A 539 21.50 -37.56 -0.39
N ASP A 540 20.35 -37.01 -0.82
CA ASP A 540 19.61 -37.48 -1.99
C ASP A 540 20.20 -36.93 -3.27
N PRO A 541 20.64 -37.80 -4.19
CA PRO A 541 21.20 -37.30 -5.47
C PRO A 541 20.17 -36.73 -6.44
N ASN A 542 18.88 -37.01 -6.22
CA ASN A 542 17.81 -36.53 -7.09
C ASN A 542 17.58 -35.02 -6.94
N THR A 543 17.16 -34.37 -8.04
CA THR A 543 16.81 -32.95 -8.06
C THR A 543 15.28 -32.89 -8.12
N TYR A 544 14.68 -32.12 -7.22
CA TYR A 544 13.24 -32.01 -7.09
C TYR A 544 12.73 -30.61 -7.35
N PHE A 545 11.42 -30.52 -7.63
CA PHE A 545 10.68 -29.28 -7.76
C PHE A 545 9.84 -29.24 -6.49
N ILE A 546 10.04 -28.23 -5.65
CA ILE A 546 9.31 -28.13 -4.39
C ILE A 546 8.37 -26.91 -4.49
N VAL A 547 7.07 -27.14 -4.22
CA VAL A 547 6.06 -26.08 -4.26
C VAL A 547 5.51 -25.85 -2.84
N GLY A 548 5.36 -24.57 -2.48
CA GLY A 548 4.82 -24.11 -1.20
C GLY A 548 3.48 -23.48 -1.48
N THR A 549 2.43 -23.88 -0.76
CA THR A 549 1.06 -23.42 -1.03
C THR A 549 0.36 -22.84 0.22
N ALA A 550 -0.89 -22.38 0.04
CA ALA A 550 -1.80 -21.87 1.04
C ALA A 550 -3.19 -22.26 0.65
N MET A 551 -4.04 -22.61 1.62
CA MET A 551 -5.45 -22.89 1.34
C MET A 551 -6.16 -21.58 1.55
N VAL A 552 -6.90 -21.13 0.55
CA VAL A 552 -7.57 -19.84 0.57
C VAL A 552 -9.07 -20.05 0.52
N TYR A 553 -9.76 -19.59 1.58
CA TYR A 553 -11.21 -19.64 1.67
C TYR A 553 -11.69 -18.21 1.91
N PRO A 554 -12.82 -17.78 1.28
CA PRO A 554 -13.27 -16.39 1.45
C PRO A 554 -13.57 -15.94 2.88
N GLU A 555 -14.10 -16.83 3.70
CA GLU A 555 -14.42 -16.54 5.08
C GLU A 555 -13.18 -16.27 5.95
N GLU A 556 -12.07 -16.98 5.67
CA GLU A 556 -10.82 -16.85 6.42
C GLU A 556 -9.96 -15.76 5.84
N ALA A 557 -9.58 -14.79 6.66
CA ALA A 557 -8.72 -13.69 6.23
C ALA A 557 -7.26 -14.13 6.21
N GLU A 558 -6.82 -14.86 7.25
CA GLU A 558 -5.43 -15.28 7.36
C GLU A 558 -5.36 -16.80 7.10
N PRO A 559 -4.49 -17.32 6.19
CA PRO A 559 -4.50 -18.77 5.92
C PRO A 559 -4.03 -19.62 7.08
N LYS A 560 -4.82 -20.66 7.43
CA LYS A 560 -4.52 -21.60 8.52
C LYS A 560 -4.04 -22.97 8.03
N GLN A 561 -3.93 -23.18 6.70
CA GLN A 561 -3.49 -24.43 6.09
C GLN A 561 -2.65 -24.15 4.86
N GLY A 562 -1.76 -25.09 4.55
CA GLY A 562 -0.86 -25.02 3.41
C GLY A 562 -0.06 -26.29 3.27
N ARG A 563 0.64 -26.47 2.14
CA ARG A 563 1.45 -27.67 1.92
C ARG A 563 2.81 -27.34 1.34
N ILE A 564 3.78 -28.24 1.56
CA ILE A 564 5.09 -28.18 0.92
C ILE A 564 5.10 -29.50 0.18
N VAL A 565 5.01 -29.46 -1.15
CA VAL A 565 4.94 -30.67 -1.95
C VAL A 565 6.24 -30.82 -2.70
N VAL A 566 6.82 -32.01 -2.62
CA VAL A 566 8.06 -32.36 -3.31
C VAL A 566 7.67 -33.21 -4.50
N PHE A 567 8.09 -32.78 -5.69
CA PHE A 567 7.82 -33.48 -6.94
C PHE A 567 9.11 -33.89 -7.59
N GLN A 568 9.05 -34.94 -8.43
CA GLN A 568 10.20 -35.34 -9.23
C GLN A 568 9.76 -35.50 -10.66
N TYR A 569 10.45 -34.84 -11.58
CA TYR A 569 10.17 -34.98 -13.00
C TYR A 569 11.30 -35.84 -13.54
N SER A 570 10.99 -37.11 -13.81
CA SER A 570 11.98 -38.06 -14.29
C SER A 570 11.34 -39.04 -15.26
N ASP A 571 12.09 -39.44 -16.30
CA ASP A 571 11.66 -40.38 -17.33
C ASP A 571 10.41 -39.89 -18.10
N GLY A 572 10.31 -38.57 -18.27
CA GLY A 572 9.19 -37.94 -18.97
C GLY A 572 7.87 -37.96 -18.20
N LYS A 573 7.93 -38.00 -16.86
CA LYS A 573 6.72 -38.05 -16.04
C LYS A 573 6.93 -37.36 -14.69
N LEU A 574 5.87 -36.72 -14.18
CA LEU A 574 5.92 -36.02 -12.90
C LEU A 574 5.23 -36.84 -11.82
N GLN A 575 5.91 -37.06 -10.69
CA GLN A 575 5.38 -37.81 -9.56
C GLN A 575 5.50 -36.99 -8.27
N THR A 576 4.61 -37.24 -7.32
CA THR A 576 4.63 -36.57 -6.02
C THR A 576 5.44 -37.45 -5.07
N VAL A 577 6.64 -37.00 -4.69
CA VAL A 577 7.53 -37.77 -3.81
C VAL A 577 7.10 -37.71 -2.34
N ALA A 578 6.85 -36.49 -1.83
CA ALA A 578 6.44 -36.26 -0.44
C ALA A 578 5.50 -35.04 -0.34
N GLU A 579 4.78 -34.93 0.80
CA GLU A 579 3.80 -33.88 1.04
C GLU A 579 3.76 -33.57 2.54
N LYS A 580 4.03 -32.32 2.95
CA LYS A 580 4.00 -31.90 4.35
C LYS A 580 2.90 -30.87 4.52
N GLU A 581 1.94 -31.10 5.44
CA GLU A 581 0.87 -30.13 5.70
C GLU A 581 1.35 -29.22 6.82
N VAL A 582 1.20 -27.90 6.63
CA VAL A 582 1.59 -26.89 7.62
C VAL A 582 0.38 -26.02 8.04
N LYS A 583 0.48 -25.37 9.21
CA LYS A 583 -0.62 -24.56 9.75
C LYS A 583 -0.55 -23.09 9.29
N GLY A 584 -0.30 -22.90 7.99
CA GLY A 584 -0.24 -21.57 7.42
C GLY A 584 0.21 -21.54 5.97
N ALA A 585 0.29 -20.33 5.40
CA ALA A 585 0.71 -20.13 4.02
C ALA A 585 2.22 -20.18 3.88
N VAL A 586 2.74 -20.99 2.94
CA VAL A 586 4.17 -21.10 2.65
C VAL A 586 4.52 -20.01 1.63
N TYR A 587 4.77 -18.79 2.12
CA TYR A 587 5.04 -17.64 1.27
C TYR A 587 6.33 -17.74 0.48
N SER A 588 7.38 -18.23 1.10
CA SER A 588 8.69 -18.34 0.47
C SER A 588 9.44 -19.58 0.93
N MET A 589 10.39 -20.03 0.10
CA MET A 589 11.25 -21.18 0.36
C MET A 589 12.60 -20.94 -0.27
N VAL A 590 13.66 -21.45 0.34
CA VAL A 590 15.01 -21.35 -0.23
C VAL A 590 15.82 -22.58 0.16
N GLU A 591 16.69 -23.06 -0.76
CA GLU A 591 17.58 -24.16 -0.45
C GLU A 591 18.65 -23.55 0.46
N PHE A 592 18.77 -24.07 1.68
CA PHE A 592 19.68 -23.58 2.68
C PHE A 592 20.67 -24.68 3.11
N ASN A 593 21.83 -24.75 2.43
CA ASN A 593 22.91 -25.70 2.76
C ASN A 593 22.44 -27.17 2.84
N GLY A 594 21.83 -27.67 1.76
CA GLY A 594 21.29 -29.03 1.69
C GLY A 594 19.97 -29.24 2.40
N LYS A 595 19.41 -28.19 3.01
CA LYS A 595 18.14 -28.22 3.73
C LYS A 595 17.13 -27.26 3.06
N LEU A 596 15.86 -27.31 3.48
CA LEU A 596 14.83 -26.45 2.91
C LEU A 596 14.37 -25.48 3.97
N LEU A 597 14.59 -24.18 3.71
CA LEU A 597 14.14 -23.15 4.63
C LEU A 597 12.83 -22.60 4.07
N ALA A 598 11.71 -22.75 4.80
CA ALA A 598 10.39 -22.32 4.36
C ALA A 598 9.74 -21.38 5.38
N SER A 599 9.01 -20.38 4.88
CA SER A 599 8.34 -19.43 5.76
C SER A 599 6.84 -19.69 5.78
N ILE A 600 6.32 -20.10 6.96
CA ILE A 600 4.89 -20.37 7.17
C ILE A 600 4.35 -19.21 8.03
N ASN A 601 3.63 -18.25 7.42
CA ASN A 601 3.06 -17.08 8.11
C ASN A 601 4.18 -16.23 8.78
N SER A 602 4.18 -16.05 10.13
CA SER A 602 5.22 -15.35 10.88
C SER A 602 6.36 -16.27 11.35
N THR A 603 6.32 -17.56 10.98
CA THR A 603 7.33 -18.53 11.36
C THR A 603 8.29 -18.79 10.21
N VAL A 604 9.52 -19.10 10.55
CA VAL A 604 10.57 -19.48 9.61
C VAL A 604 11.02 -20.85 10.09
N ARG A 605 10.81 -21.88 9.28
CA ARG A 605 11.11 -23.26 9.61
C ARG A 605 12.18 -23.87 8.73
N LEU A 606 13.12 -24.62 9.32
CA LEU A 606 14.16 -25.31 8.57
C LEU A 606 13.84 -26.81 8.59
N TYR A 607 13.76 -27.43 7.40
CA TYR A 607 13.48 -28.85 7.26
C TYR A 607 14.71 -29.59 6.75
N GLU A 608 14.83 -30.84 7.15
CA GLU A 608 15.88 -31.75 6.68
C GLU A 608 15.23 -32.82 5.82
N TRP A 609 15.90 -33.27 4.76
CA TRP A 609 15.36 -34.33 3.91
C TRP A 609 15.93 -35.68 4.40
N THR A 610 15.07 -36.52 4.99
CA THR A 610 15.49 -37.81 5.59
C THR A 610 15.81 -38.87 4.52
N THR A 611 16.38 -40.01 4.97
CA THR A 611 16.66 -41.16 4.11
C THR A 611 15.34 -41.86 3.70
N GLU A 612 14.23 -41.66 4.48
CA GLU A 612 12.88 -42.12 4.17
C GLU A 612 12.18 -41.17 3.13
N LYS A 613 12.92 -40.17 2.60
CA LYS A 613 12.47 -39.16 1.64
C LYS A 613 11.22 -38.45 2.17
N GLU A 614 11.41 -37.80 3.33
CA GLU A 614 10.41 -37.02 4.05
C GLU A 614 11.07 -35.76 4.63
N LEU A 615 10.30 -34.69 4.82
CA LEU A 615 10.83 -33.47 5.42
C LEU A 615 10.65 -33.55 6.95
N ARG A 616 11.73 -33.31 7.69
CA ARG A 616 11.76 -33.37 9.14
C ARG A 616 12.09 -32.00 9.69
N THR A 617 11.20 -31.44 10.53
CA THR A 617 11.41 -30.11 11.10
C THR A 617 12.65 -30.10 11.98
N GLU A 618 13.68 -29.33 11.62
CA GLU A 618 14.89 -29.23 12.41
C GLU A 618 14.67 -28.16 13.47
N CYS A 619 14.34 -26.94 13.04
CA CYS A 619 14.12 -25.83 13.96
C CYS A 619 13.17 -24.81 13.39
N ASN A 620 12.58 -24.02 14.28
CA ASN A 620 11.66 -22.95 13.98
C ASN A 620 12.18 -21.64 14.54
N HIS A 621 11.68 -20.54 14.02
CA HIS A 621 11.99 -19.21 14.51
C HIS A 621 10.72 -18.37 14.37
N TYR A 622 10.11 -18.02 15.51
CA TYR A 622 8.86 -17.27 15.54
C TYR A 622 9.18 -15.78 15.50
N ASN A 623 8.69 -15.08 14.46
CA ASN A 623 9.02 -13.69 14.23
C ASN A 623 7.93 -12.68 14.65
N ASN A 624 8.38 -11.45 14.86
CA ASN A 624 7.51 -10.31 15.15
C ASN A 624 6.76 -9.86 13.87
N ILE A 625 7.17 -10.31 12.67
CA ILE A 625 6.58 -9.95 11.39
C ILE A 625 6.24 -11.18 10.57
N MET A 626 5.42 -10.97 9.55
CA MET A 626 5.04 -12.00 8.62
C MET A 626 6.23 -12.18 7.68
N ALA A 627 6.74 -13.42 7.53
CA ALA A 627 7.91 -13.70 6.70
C ALA A 627 7.59 -13.86 5.21
N LEU A 628 7.32 -12.73 4.52
CA LEU A 628 6.99 -12.72 3.10
C LEU A 628 8.20 -12.96 2.21
N TYR A 629 9.28 -12.22 2.46
CA TYR A 629 10.48 -12.30 1.66
C TYR A 629 11.52 -13.14 2.41
N LEU A 630 12.22 -14.03 1.66
CA LEU A 630 13.28 -14.89 2.18
C LEU A 630 14.43 -14.91 1.19
N LYS A 631 15.63 -14.58 1.67
CA LYS A 631 16.85 -14.64 0.87
C LYS A 631 17.99 -15.14 1.77
N THR A 632 18.94 -15.94 1.22
CA THR A 632 20.04 -16.47 2.03
C THR A 632 21.41 -16.36 1.34
N LYS A 633 22.45 -16.09 2.16
CA LYS A 633 23.85 -16.07 1.75
C LYS A 633 24.62 -16.81 2.85
N GLY A 634 25.12 -18.00 2.52
CA GLY A 634 25.82 -18.84 3.49
C GLY A 634 24.88 -19.30 4.58
N ASP A 635 25.22 -19.00 5.84
CA ASP A 635 24.39 -19.31 7.01
C ASP A 635 23.52 -18.10 7.45
N PHE A 636 23.46 -17.03 6.62
CA PHE A 636 22.68 -15.82 6.89
C PHE A 636 21.37 -15.86 6.12
N ILE A 637 20.27 -15.40 6.77
CA ILE A 637 18.91 -15.36 6.23
C ILE A 637 18.33 -13.95 6.38
N LEU A 638 17.65 -13.46 5.33
CA LEU A 638 17.03 -12.14 5.29
C LEU A 638 15.52 -12.34 5.19
N VAL A 639 14.81 -11.98 6.25
CA VAL A 639 13.36 -12.09 6.36
C VAL A 639 12.80 -10.66 6.27
N GLY A 640 11.77 -10.47 5.46
CA GLY A 640 11.14 -9.15 5.30
C GLY A 640 9.64 -9.25 5.14
N ASP A 641 8.92 -8.14 5.39
CA ASP A 641 7.45 -8.11 5.24
C ASP A 641 7.04 -7.05 4.19
N LEU A 642 5.75 -6.97 3.88
CA LEU A 642 5.25 -6.00 2.89
C LEU A 642 5.43 -4.54 3.34
N MET A 643 5.70 -4.29 4.62
CA MET A 643 5.85 -2.94 5.16
C MET A 643 7.29 -2.55 5.49
N ARG A 644 8.25 -3.14 4.77
CA ARG A 644 9.66 -2.82 4.89
C ARG A 644 10.29 -3.14 6.24
N SER A 645 9.73 -4.13 6.94
CA SER A 645 10.32 -4.61 8.18
C SER A 645 11.39 -5.61 7.73
N VAL A 646 12.66 -5.27 7.96
CA VAL A 646 13.78 -6.10 7.55
C VAL A 646 14.40 -6.74 8.79
N LEU A 647 14.69 -8.03 8.70
CA LEU A 647 15.19 -8.84 9.80
C LEU A 647 16.30 -9.77 9.28
N LEU A 648 17.41 -9.92 10.04
CA LEU A 648 18.53 -10.77 9.65
C LEU A 648 18.68 -11.88 10.69
N LEU A 649 18.74 -13.14 10.23
CA LEU A 649 18.90 -14.29 11.09
C LEU A 649 20.12 -15.11 10.64
N ALA A 650 20.67 -15.90 11.57
CA ALA A 650 21.81 -16.75 11.27
C ALA A 650 21.57 -18.11 11.87
N TYR A 651 21.83 -19.14 11.08
CA TYR A 651 21.69 -20.51 11.56
C TYR A 651 22.95 -20.82 12.36
N LYS A 652 22.77 -21.31 13.60
CA LYS A 652 23.86 -21.67 14.50
C LYS A 652 24.01 -23.21 14.45
N PRO A 653 24.88 -23.78 13.58
CA PRO A 653 24.96 -25.24 13.45
C PRO A 653 25.32 -26.02 14.71
N MET A 654 26.14 -25.44 15.60
CA MET A 654 26.54 -26.11 16.84
C MET A 654 25.43 -26.16 17.91
N GLU A 655 24.36 -25.36 17.75
CA GLU A 655 23.20 -25.33 18.64
C GLU A 655 21.93 -25.90 17.94
N GLY A 656 21.89 -25.89 16.59
CA GLY A 656 20.77 -26.37 15.79
C GLY A 656 19.54 -25.47 15.83
N ASN A 657 19.76 -24.13 15.92
CA ASN A 657 18.68 -23.15 16.01
C ASN A 657 19.03 -21.82 15.30
N PHE A 658 18.09 -20.84 15.27
CA PHE A 658 18.32 -19.53 14.66
C PHE A 658 18.55 -18.46 15.71
N GLU A 659 19.30 -17.43 15.32
CA GLU A 659 19.65 -16.30 16.18
C GLU A 659 19.45 -15.02 15.38
N GLU A 660 18.76 -14.03 15.95
CA GLU A 660 18.56 -12.75 15.26
C GLU A 660 19.85 -11.94 15.37
N ILE A 661 20.36 -11.47 14.22
CA ILE A 661 21.59 -10.70 14.13
C ILE A 661 21.27 -9.21 14.20
N ALA A 662 20.30 -8.75 13.39
CA ALA A 662 19.92 -7.34 13.32
C ALA A 662 18.50 -7.13 12.73
N ARG A 663 17.93 -5.91 12.88
CA ARG A 663 16.64 -5.56 12.30
C ARG A 663 16.53 -4.05 12.03
N ASP A 664 15.55 -3.66 11.20
CA ASP A 664 15.27 -2.26 10.90
C ASP A 664 13.84 -2.14 10.38
N PHE A 665 12.98 -1.47 11.16
CA PHE A 665 11.57 -1.35 10.84
C PHE A 665 11.20 0.10 10.53
N ASN A 666 11.07 0.44 9.24
CA ASN A 666 10.65 1.77 8.81
C ASN A 666 9.39 1.56 7.94
N PRO A 667 8.19 1.93 8.42
CA PRO A 667 6.98 1.63 7.62
C PRO A 667 6.90 2.27 6.24
N ASN A 668 6.86 1.42 5.21
CA ASN A 668 6.73 1.78 3.79
C ASN A 668 6.45 0.51 2.99
N TRP A 669 5.75 0.56 1.83
CA TRP A 669 5.47 -0.67 1.09
C TRP A 669 6.74 -1.18 0.41
N MET A 670 7.04 -2.48 0.55
CA MET A 670 8.24 -3.09 0.01
C MET A 670 7.84 -4.19 -0.96
N SER A 671 8.36 -4.13 -2.18
CA SER A 671 7.99 -5.06 -3.25
C SER A 671 8.98 -6.18 -3.55
N ALA A 672 10.24 -6.02 -3.15
CA ALA A 672 11.26 -7.04 -3.40
C ALA A 672 12.50 -6.79 -2.55
N VAL A 673 13.27 -7.85 -2.30
CA VAL A 673 14.50 -7.77 -1.51
C VAL A 673 15.56 -8.73 -2.06
N GLU A 674 16.84 -8.43 -1.80
CA GLU A 674 17.99 -9.24 -2.23
C GLU A 674 19.21 -8.99 -1.34
N ILE A 675 20.08 -9.99 -1.25
CA ILE A 675 21.34 -9.90 -0.50
C ILE A 675 22.42 -9.55 -1.54
N LEU A 676 23.05 -8.37 -1.45
CA LEU A 676 24.11 -8.00 -2.40
C LEU A 676 25.40 -8.74 -2.06
N ASP A 677 25.78 -8.65 -0.79
CA ASP A 677 26.95 -9.32 -0.22
C ASP A 677 26.65 -9.61 1.28
N ASP A 678 27.65 -10.08 2.03
CA ASP A 678 27.51 -10.42 3.45
C ASP A 678 27.02 -9.27 4.33
N ASP A 679 27.32 -8.02 3.93
CA ASP A 679 26.97 -6.84 4.71
C ASP A 679 25.91 -5.95 4.11
N ASN A 680 25.56 -6.11 2.81
CA ASN A 680 24.58 -5.23 2.17
C ASN A 680 23.36 -5.95 1.63
N PHE A 681 22.19 -5.30 1.79
CA PHE A 681 20.86 -5.80 1.45
C PHE A 681 20.16 -4.74 0.59
N LEU A 682 19.69 -5.12 -0.60
CA LEU A 682 19.03 -4.25 -1.55
C LEU A 682 17.53 -4.51 -1.53
N GLY A 683 16.74 -3.46 -1.46
CA GLY A 683 15.29 -3.58 -1.45
C GLY A 683 14.62 -2.59 -2.38
N ALA A 684 13.36 -2.85 -2.69
CA ALA A 684 12.55 -1.98 -3.54
C ALA A 684 11.36 -1.49 -2.72
N GLU A 685 11.27 -0.17 -2.47
CA GLU A 685 10.20 0.38 -1.64
C GLU A 685 9.44 1.53 -2.29
N ASN A 686 8.22 1.79 -1.77
CA ASN A 686 7.18 2.72 -2.23
C ASN A 686 7.69 4.05 -2.77
N ALA A 687 7.03 4.42 -3.89
CA ALA A 687 7.26 5.53 -4.81
C ALA A 687 8.51 5.25 -5.63
N PHE A 688 8.55 4.00 -6.18
CA PHE A 688 9.52 3.47 -7.13
C PHE A 688 10.96 3.72 -6.75
N ASN A 689 11.31 3.44 -5.50
CA ASN A 689 12.67 3.63 -5.02
C ASN A 689 13.39 2.31 -4.79
N LEU A 690 14.71 2.41 -4.67
CA LEU A 690 15.60 1.36 -4.29
C LEU A 690 16.26 1.86 -3.01
N PHE A 691 16.67 0.92 -2.15
CA PHE A 691 17.38 1.26 -0.94
C PHE A 691 18.34 0.15 -0.58
N VAL A 692 19.38 0.51 0.17
CA VAL A 692 20.39 -0.43 0.62
C VAL A 692 20.56 -0.27 2.12
N CYS A 693 20.56 -1.40 2.81
CA CYS A 693 20.75 -1.47 4.24
C CYS A 693 22.04 -2.22 4.50
N GLN A 694 22.74 -1.82 5.56
CA GLN A 694 24.05 -2.38 5.85
C GLN A 694 24.16 -2.79 7.29
N LYS A 695 24.92 -3.87 7.53
CA LYS A 695 25.21 -4.37 8.87
C LYS A 695 26.64 -3.93 9.23
N ASP A 696 26.91 -3.78 10.53
CA ASP A 696 28.25 -3.42 10.98
C ASP A 696 28.61 -4.29 12.19
N SER A 697 28.97 -5.56 11.91
CA SER A 697 29.32 -6.55 12.94
C SER A 697 30.46 -6.09 13.90
N ALA A 698 31.22 -5.03 13.52
CA ALA A 698 32.34 -4.47 14.27
C ALA A 698 31.98 -3.35 15.30
N ALA A 699 30.77 -2.77 15.22
CA ALA A 699 30.30 -1.68 16.10
C ALA A 699 30.52 -1.93 17.60
N THR A 700 30.92 -0.88 18.35
CA THR A 700 31.27 -0.95 19.77
C THR A 700 30.19 -1.61 20.68
N THR A 701 28.89 -1.24 20.54
CA THR A 701 27.82 -1.77 21.38
C THR A 701 26.94 -2.78 20.63
N ASP A 702 26.19 -3.61 21.41
CA ASP A 702 25.29 -4.62 20.86
C ASP A 702 24.00 -4.04 20.29
N GLU A 703 23.66 -2.76 20.60
CA GLU A 703 22.49 -2.07 20.03
C GLU A 703 22.81 -1.68 18.59
N GLU A 704 24.02 -1.14 18.37
CA GLU A 704 24.50 -0.74 17.05
C GLU A 704 24.65 -1.93 16.10
N ARG A 705 25.22 -3.07 16.58
CA ARG A 705 25.45 -4.22 15.71
C ARG A 705 24.15 -5.04 15.43
N GLN A 706 23.02 -4.75 16.14
CA GLN A 706 21.72 -5.34 15.81
C GLN A 706 20.76 -4.26 15.23
N HIS A 707 21.37 -3.27 14.52
CA HIS A 707 20.70 -2.16 13.85
C HIS A 707 21.28 -2.14 12.42
N LEU A 708 20.39 -2.03 11.42
CA LEU A 708 20.80 -1.96 10.04
C LEU A 708 20.74 -0.51 9.58
N GLN A 709 21.85 0.00 9.04
CA GLN A 709 21.95 1.38 8.62
C GLN A 709 21.52 1.56 7.18
N GLU A 710 20.62 2.52 6.93
CA GLU A 710 20.15 2.83 5.58
C GLU A 710 21.31 3.63 4.96
N VAL A 711 22.03 3.01 4.01
CA VAL A 711 23.24 3.60 3.39
C VAL A 711 23.08 3.97 1.90
N GLY A 712 21.98 3.55 1.28
CA GLY A 712 21.68 3.84 -0.11
C GLY A 712 20.20 4.13 -0.31
N LEU A 713 19.88 5.17 -1.08
CA LEU A 713 18.51 5.57 -1.43
C LEU A 713 18.53 6.08 -2.87
N PHE A 714 17.55 5.71 -3.69
CA PHE A 714 17.56 6.10 -5.10
C PHE A 714 16.17 6.01 -5.69
N HIS A 715 15.72 7.03 -6.42
CA HIS A 715 14.41 6.95 -7.08
C HIS A 715 14.61 6.32 -8.45
N LEU A 716 14.30 5.04 -8.56
CA LEU A 716 14.42 4.26 -9.79
C LEU A 716 13.41 4.65 -10.86
N GLY A 717 12.19 4.97 -10.46
CA GLY A 717 11.12 5.29 -11.40
C GLY A 717 10.36 4.06 -11.88
N GLU A 718 10.81 2.84 -11.48
CA GLU A 718 10.15 1.58 -11.83
C GLU A 718 9.77 0.83 -10.56
N PHE A 719 8.84 -0.13 -10.68
CA PHE A 719 8.39 -0.96 -9.57
C PHE A 719 9.04 -2.34 -9.69
N VAL A 720 10.01 -2.69 -8.81
CA VAL A 720 10.73 -3.96 -8.91
C VAL A 720 9.93 -5.11 -8.31
N ASN A 721 9.77 -6.22 -9.06
CA ASN A 721 9.06 -7.42 -8.59
C ASN A 721 10.03 -8.52 -8.24
N VAL A 722 11.18 -8.59 -8.94
CA VAL A 722 12.11 -9.67 -8.74
C VAL A 722 13.55 -9.19 -8.85
N PHE A 723 14.40 -9.66 -7.94
CA PHE A 723 15.84 -9.42 -7.93
C PHE A 723 16.46 -10.79 -8.16
N CYS A 724 17.50 -10.82 -8.98
CA CYS A 724 18.05 -12.07 -9.44
C CYS A 724 19.54 -11.94 -9.72
N HIS A 725 20.37 -12.75 -9.06
CA HIS A 725 21.81 -12.72 -9.30
C HIS A 725 22.17 -13.38 -10.64
N GLY A 726 22.94 -12.68 -11.46
CA GLY A 726 23.38 -13.17 -12.76
C GLY A 726 23.71 -12.05 -13.72
N SER A 727 24.15 -12.42 -14.92
CA SER A 727 24.48 -11.44 -15.97
C SER A 727 24.17 -11.99 -17.35
N LEU A 728 23.92 -11.10 -18.30
CA LEU A 728 23.68 -11.48 -19.69
C LEU A 728 24.96 -11.39 -20.54
N VAL A 729 26.12 -10.97 -19.96
CA VAL A 729 27.38 -10.87 -20.68
C VAL A 729 28.28 -12.08 -20.42
N MET A 730 29.13 -12.38 -21.43
CA MET A 730 30.09 -13.49 -21.44
C MET A 730 31.17 -13.25 -20.36
N GLN A 731 31.66 -14.33 -19.69
CA GLN A 731 32.67 -14.21 -18.63
C GLN A 731 34.10 -14.40 -19.16
N SER A 737 39.86 -8.74 -11.26
CA SER A 737 40.32 -7.98 -12.43
C SER A 737 39.14 -7.29 -13.17
N THR A 738 38.25 -6.59 -12.40
CA THR A 738 37.06 -5.87 -12.90
C THR A 738 36.70 -4.69 -11.95
N PRO A 739 36.23 -3.51 -12.46
CA PRO A 739 35.89 -2.41 -11.55
C PRO A 739 34.58 -2.58 -10.78
N THR A 740 33.70 -3.50 -11.25
CA THR A 740 32.41 -3.80 -10.62
C THR A 740 32.46 -5.17 -9.94
N GLN A 741 31.76 -5.30 -8.83
CA GLN A 741 31.70 -6.55 -8.07
C GLN A 741 30.25 -6.95 -7.96
N GLY A 742 29.93 -8.14 -8.45
CA GLY A 742 28.57 -8.66 -8.40
C GLY A 742 27.68 -8.17 -9.51
N SER A 743 26.53 -8.83 -9.66
CA SER A 743 25.58 -8.50 -10.71
C SER A 743 24.20 -8.98 -10.30
N VAL A 744 23.30 -8.04 -9.99
CA VAL A 744 21.92 -8.34 -9.62
C VAL A 744 21.03 -7.73 -10.67
N LEU A 745 20.35 -8.57 -11.43
CA LEU A 745 19.38 -8.15 -12.43
C LEU A 745 18.04 -8.00 -11.75
N PHE A 746 17.17 -7.15 -12.30
CA PHE A 746 15.84 -6.98 -11.75
C PHE A 746 14.81 -6.74 -12.84
N GLY A 747 13.60 -7.25 -12.59
CA GLY A 747 12.47 -7.13 -13.49
C GLY A 747 11.42 -6.24 -12.88
N THR A 748 10.77 -5.40 -13.68
CA THR A 748 9.79 -4.44 -13.19
C THR A 748 8.39 -4.64 -13.81
N VAL A 749 7.39 -3.95 -13.25
CA VAL A 749 6.01 -3.97 -13.73
C VAL A 749 5.92 -3.45 -15.18
N ASN A 750 6.70 -2.43 -15.54
CA ASN A 750 6.67 -1.88 -16.90
C ASN A 750 7.55 -2.64 -17.93
N GLY A 751 8.07 -3.81 -17.56
CA GLY A 751 8.93 -4.59 -18.45
C GLY A 751 10.34 -4.07 -18.60
N MET A 752 10.73 -3.12 -17.76
CA MET A 752 12.09 -2.57 -17.74
C MET A 752 12.97 -3.61 -17.02
N ILE A 753 14.21 -3.81 -17.50
CA ILE A 753 15.19 -4.70 -16.87
C ILE A 753 16.39 -3.83 -16.52
N GLY A 754 16.82 -3.92 -15.28
CA GLY A 754 17.97 -3.17 -14.80
C GLY A 754 19.02 -4.08 -14.21
N LEU A 755 20.13 -3.47 -13.79
CA LEU A 755 21.26 -4.18 -13.21
C LEU A 755 21.84 -3.35 -12.08
N VAL A 756 22.19 -3.99 -10.97
CA VAL A 756 22.83 -3.33 -9.85
C VAL A 756 24.14 -4.05 -9.59
N THR A 757 25.20 -3.28 -9.40
CA THR A 757 26.53 -3.82 -9.10
C THR A 757 27.19 -2.94 -8.04
N SER A 758 28.19 -3.48 -7.36
CA SER A 758 28.91 -2.72 -6.34
C SER A 758 30.23 -2.18 -6.90
N LEU A 759 30.62 -1.01 -6.41
CA LEU A 759 31.83 -0.29 -6.79
C LEU A 759 32.74 -0.10 -5.56
N SER A 760 33.97 0.41 -5.81
CA SER A 760 34.92 0.80 -4.78
C SER A 760 34.67 2.28 -4.45
N GLU A 761 35.15 2.74 -3.28
CA GLU A 761 34.97 4.14 -2.87
C GLU A 761 35.59 5.09 -3.90
N SER A 762 36.77 4.75 -4.44
CA SER A 762 37.45 5.55 -5.46
C SER A 762 36.59 5.69 -6.74
N TRP A 763 36.05 4.55 -7.23
CA TRP A 763 35.21 4.54 -8.42
C TRP A 763 33.92 5.32 -8.19
N TYR A 764 33.31 5.17 -7.01
CA TYR A 764 32.09 5.90 -6.69
C TYR A 764 32.33 7.42 -6.61
N ASN A 765 33.35 7.87 -5.86
CA ASN A 765 33.65 9.30 -5.69
C ASN A 765 33.88 10.00 -7.03
N LEU A 766 34.58 9.32 -7.96
CA LEU A 766 34.85 9.85 -9.30
C LEU A 766 33.55 10.00 -10.13
N LEU A 767 32.75 8.92 -10.20
CA LEU A 767 31.50 8.89 -10.96
C LEU A 767 30.44 9.85 -10.39
N LEU A 768 30.50 10.14 -9.07
CA LEU A 768 29.57 11.05 -8.41
C LEU A 768 29.85 12.50 -8.87
N ASP A 769 31.14 12.88 -8.93
CA ASP A 769 31.57 14.19 -9.45
C ASP A 769 31.23 14.26 -10.94
N MET A 770 31.47 13.18 -11.67
CA MET A 770 31.16 13.05 -13.09
C MET A 770 29.70 13.33 -13.37
N GLN A 771 28.78 12.85 -12.50
CA GLN A 771 27.35 13.07 -12.64
C GLN A 771 27.00 14.56 -12.57
N ASN A 772 27.53 15.26 -11.57
CA ASN A 772 27.27 16.69 -11.36
C ASN A 772 27.82 17.53 -12.52
N ARG A 773 28.93 17.07 -13.15
CA ARG A 773 29.53 17.72 -14.31
C ARG A 773 28.69 17.45 -15.56
N LEU A 774 28.25 16.19 -15.75
CA LEU A 774 27.39 15.82 -16.87
C LEU A 774 26.05 16.54 -16.81
N ASN A 775 25.51 16.79 -15.61
CA ASN A 775 24.24 17.50 -15.47
C ASN A 775 24.33 18.96 -15.93
N LYS A 776 25.51 19.57 -15.84
CA LYS A 776 25.70 20.94 -16.29
C LYS A 776 25.67 21.03 -17.81
N VAL A 777 26.07 19.95 -18.54
CA VAL A 777 26.18 19.94 -20.02
C VAL A 777 25.00 19.24 -20.77
N ILE A 778 24.33 18.24 -20.15
CA ILE A 778 23.22 17.50 -20.76
C ILE A 778 21.90 18.27 -20.72
N LYS A 779 21.11 18.15 -21.78
CA LYS A 779 19.83 18.87 -21.92
C LYS A 779 18.68 17.97 -21.56
N SER A 780 18.02 18.23 -20.43
CA SER A 780 16.88 17.42 -19.95
C SER A 780 15.56 17.84 -20.61
N VAL A 781 14.76 16.86 -21.10
CA VAL A 781 13.47 17.18 -21.73
C VAL A 781 12.53 17.69 -20.66
N GLY A 782 11.93 18.86 -20.89
CA GLY A 782 11.07 19.52 -19.92
C GLY A 782 11.84 20.33 -18.87
N LYS A 783 13.18 20.43 -19.03
CA LYS A 783 14.09 21.13 -18.14
C LYS A 783 13.94 20.64 -16.69
N ILE A 784 13.91 19.29 -16.50
CA ILE A 784 13.76 18.65 -15.18
C ILE A 784 15.16 18.37 -14.60
N GLU A 785 15.36 18.66 -13.31
CA GLU A 785 16.64 18.42 -12.67
C GLU A 785 16.87 16.92 -12.45
N HIS A 786 18.08 16.42 -12.78
CA HIS A 786 18.42 15.01 -12.58
C HIS A 786 18.42 14.68 -11.09
N SER A 787 19.01 15.58 -10.29
CA SER A 787 19.09 15.44 -8.83
C SER A 787 17.70 15.33 -8.22
N PHE A 788 16.74 16.13 -8.73
CA PHE A 788 15.35 16.12 -8.28
C PHE A 788 14.67 14.78 -8.62
N TRP A 789 14.86 14.33 -9.87
CA TRP A 789 14.31 13.08 -10.37
C TRP A 789 14.80 11.87 -9.59
N ARG A 790 16.11 11.75 -9.37
CA ARG A 790 16.67 10.62 -8.64
C ARG A 790 16.54 10.70 -7.12
N SER A 791 16.05 11.83 -6.57
CA SER A 791 15.87 11.98 -5.13
C SER A 791 14.87 10.95 -4.63
N PHE A 792 15.19 10.26 -3.51
CA PHE A 792 14.29 9.31 -2.84
C PHE A 792 12.98 10.00 -2.53
N HIS A 793 11.90 9.43 -3.02
CA HIS A 793 10.59 10.06 -2.89
C HIS A 793 9.52 9.15 -2.28
N THR A 794 8.84 9.70 -1.29
CA THR A 794 7.58 9.28 -0.68
C THR A 794 6.80 10.62 -0.59
N GLU A 795 5.48 10.61 -0.35
CA GLU A 795 4.78 11.90 -0.29
C GLU A 795 5.18 12.64 1.00
N ARG A 796 5.36 11.89 2.10
CA ARG A 796 5.79 12.46 3.38
C ARG A 796 7.26 12.95 3.39
N LYS A 797 8.19 12.35 2.60
CA LYS A 797 9.57 12.87 2.57
C LYS A 797 10.32 12.68 1.23
N THR A 798 11.27 13.62 0.93
CA THR A 798 12.11 13.59 -0.26
C THR A 798 13.56 13.93 0.14
N GLU A 799 14.45 12.91 0.05
CA GLU A 799 15.87 13.01 0.42
C GLU A 799 16.71 12.84 -0.82
N PRO A 800 17.88 13.50 -0.96
CA PRO A 800 18.70 13.27 -2.17
C PRO A 800 19.20 11.84 -2.24
N ALA A 801 19.42 11.35 -3.46
CA ALA A 801 19.91 9.99 -3.66
C ALA A 801 21.30 9.83 -3.06
N THR A 802 21.53 8.74 -2.33
CA THR A 802 22.82 8.44 -1.71
C THR A 802 23.21 6.99 -2.03
N GLY A 803 24.51 6.71 -2.05
CA GLY A 803 25.03 5.36 -2.30
C GLY A 803 24.71 4.71 -3.64
N PHE A 804 24.24 5.49 -4.63
CA PHE A 804 23.87 4.99 -5.95
C PHE A 804 24.34 5.90 -7.06
N ILE A 805 24.91 5.29 -8.12
CA ILE A 805 25.36 5.96 -9.33
C ILE A 805 24.36 5.60 -10.44
N ASP A 806 23.79 6.63 -11.11
CA ASP A 806 22.87 6.46 -12.23
C ASP A 806 23.72 6.11 -13.44
N GLY A 807 23.85 4.82 -13.69
CA GLY A 807 24.64 4.33 -14.82
C GLY A 807 24.18 4.83 -16.17
N ASP A 808 22.89 5.13 -16.32
CA ASP A 808 22.32 5.65 -17.55
C ASP A 808 22.85 7.07 -17.85
N LEU A 809 23.04 7.87 -16.79
CA LEU A 809 23.59 9.22 -16.90
C LEU A 809 25.09 9.11 -17.21
N ILE A 810 25.83 8.27 -16.47
CA ILE A 810 27.26 8.08 -16.72
C ILE A 810 27.51 7.60 -18.17
N GLU A 811 26.76 6.59 -18.65
CA GLU A 811 26.92 6.09 -20.01
C GLU A 811 26.63 7.12 -21.08
N SER A 812 25.74 8.09 -20.81
CA SER A 812 25.46 9.12 -21.79
C SER A 812 26.66 10.07 -22.07
N PHE A 813 27.80 9.91 -21.34
CA PHE A 813 29.05 10.67 -21.62
C PHE A 813 29.60 10.28 -23.00
N LEU A 814 29.46 9.02 -23.38
CA LEU A 814 29.95 8.55 -24.67
C LEU A 814 29.14 9.16 -25.85
N ASP A 815 27.90 9.61 -25.61
CA ASP A 815 27.04 10.20 -26.65
C ASP A 815 27.30 11.70 -26.85
N ILE A 816 27.90 12.40 -25.85
CA ILE A 816 28.14 13.84 -25.97
C ILE A 816 29.31 14.14 -26.93
N SER A 817 29.29 15.34 -27.51
CA SER A 817 30.29 15.79 -28.48
C SER A 817 31.67 15.96 -27.86
N ARG A 818 32.72 16.04 -28.70
CA ARG A 818 34.08 16.22 -28.19
C ARG A 818 34.26 17.55 -27.41
N PRO A 819 33.66 18.71 -27.81
CA PRO A 819 33.84 19.91 -26.99
C PRO A 819 33.16 19.76 -25.63
N LYS A 820 31.97 19.11 -25.60
CA LYS A 820 31.24 18.86 -24.35
C LYS A 820 31.98 17.86 -23.46
N MET A 821 32.68 16.87 -24.06
CA MET A 821 33.49 15.89 -23.33
C MET A 821 34.64 16.57 -22.59
N GLN A 822 35.28 17.56 -23.24
CA GLN A 822 36.40 18.33 -22.68
C GLN A 822 35.94 19.26 -21.54
N GLU A 823 34.67 19.74 -21.59
CA GLU A 823 34.05 20.58 -20.57
C GLU A 823 33.87 19.76 -19.28
N VAL A 824 33.43 18.48 -19.43
CA VAL A 824 33.22 17.55 -18.32
C VAL A 824 34.55 17.24 -17.62
N VAL A 825 35.60 16.92 -18.37
CA VAL A 825 36.90 16.54 -17.80
C VAL A 825 37.79 17.74 -17.33
N ALA A 826 37.24 18.97 -17.23
CA ALA A 826 38.02 20.12 -16.79
C ALA A 826 38.15 20.17 -15.27
N ASN A 827 39.16 19.46 -14.71
CA ASN A 827 39.36 19.46 -13.26
C ASN A 827 40.05 20.74 -12.78
N THR A 841 42.82 14.69 -20.05
CA THR A 841 42.18 13.68 -19.20
C THR A 841 40.79 13.28 -19.74
N ALA A 842 40.60 13.24 -21.08
CA ALA A 842 39.28 12.93 -21.68
C ALA A 842 39.17 11.49 -22.23
N ASP A 843 40.19 11.04 -22.97
CA ASP A 843 40.21 9.70 -23.55
C ASP A 843 40.36 8.61 -22.49
N ASP A 844 41.01 8.93 -21.35
CA ASP A 844 41.11 8.01 -20.22
C ASP A 844 39.74 7.82 -19.57
N LEU A 845 38.85 8.85 -19.62
CA LEU A 845 37.49 8.77 -19.10
C LEU A 845 36.61 7.94 -20.02
N ILE A 846 36.85 8.01 -21.36
CA ILE A 846 36.14 7.22 -22.36
C ILE A 846 36.38 5.71 -22.09
N LYS A 847 37.63 5.34 -21.72
CA LYS A 847 38.01 3.95 -21.37
C LYS A 847 37.23 3.46 -20.13
N VAL A 848 37.09 4.32 -19.11
CA VAL A 848 36.35 4.07 -17.87
C VAL A 848 34.87 3.80 -18.18
N VAL A 849 34.24 4.68 -18.98
CA VAL A 849 32.81 4.57 -19.31
C VAL A 849 32.56 3.35 -20.21
N GLU A 850 33.46 3.08 -21.18
CA GLU A 850 33.32 1.90 -22.05
C GLU A 850 33.45 0.60 -21.24
N GLU A 851 34.32 0.58 -20.22
CA GLU A 851 34.45 -0.58 -19.33
C GLU A 851 33.13 -0.80 -18.58
N LEU A 852 32.46 0.29 -18.15
CA LEU A 852 31.18 0.23 -17.43
C LEU A 852 30.00 -0.20 -18.32
N THR A 853 30.09 0.02 -19.65
CA THR A 853 29.04 -0.44 -20.57
C THR A 853 29.09 -1.97 -20.79
N ARG A 854 30.27 -2.59 -20.56
CA ARG A 854 30.48 -4.03 -20.74
C ARG A 854 29.77 -4.91 -19.69
N ILE A 855 29.17 -4.33 -18.65
CA ILE A 855 28.47 -5.12 -17.63
C ILE A 855 27.04 -5.54 -18.06
N HIS A 856 26.51 -5.00 -19.18
CA HIS A 856 25.19 -5.35 -19.68
C HIS A 856 25.14 -5.39 -21.22
N ASN B 29 -27.29 -9.68 30.11
CA ASN B 29 -27.14 -9.63 28.65
C ASN B 29 -27.69 -8.31 28.06
N ILE B 30 -28.91 -7.86 28.48
CA ILE B 30 -29.52 -6.59 28.00
C ILE B 30 -29.01 -5.42 28.87
N ILE B 31 -28.67 -4.26 28.25
CA ILE B 31 -28.12 -3.11 28.97
C ILE B 31 -29.14 -1.98 29.18
N ASN B 32 -29.94 -2.08 30.27
CA ASN B 32 -30.94 -1.08 30.71
C ASN B 32 -30.28 -0.01 31.62
N PHE B 33 -29.13 0.55 31.14
CA PHE B 33 -28.32 1.63 31.75
C PHE B 33 -28.04 2.70 30.67
N ASP B 34 -27.74 3.93 31.08
CA ASP B 34 -27.43 5.02 30.12
C ASP B 34 -25.91 5.04 29.80
N THR B 35 -25.51 4.43 28.66
CA THR B 35 -24.10 4.28 28.20
C THR B 35 -23.32 5.61 28.11
N SER B 36 -24.03 6.73 28.07
CA SER B 36 -23.44 8.06 27.99
C SER B 36 -23.01 8.62 29.35
N LEU B 37 -23.44 8.01 30.48
CA LEU B 37 -23.09 8.54 31.80
C LEU B 37 -21.61 8.36 32.25
N PRO B 38 -20.96 7.17 32.09
CA PRO B 38 -19.56 7.05 32.54
C PRO B 38 -18.59 7.97 31.79
N THR B 39 -18.84 8.24 30.50
CA THR B 39 -18.00 9.12 29.67
C THR B 39 -18.04 10.58 30.15
N SER B 40 -19.18 11.01 30.73
CA SER B 40 -19.35 12.36 31.26
C SER B 40 -18.56 12.60 32.55
N HIS B 41 -18.18 11.51 33.28
CA HIS B 41 -17.46 11.59 34.55
C HIS B 41 -18.24 12.44 35.55
N THR B 42 -19.55 12.13 35.63
CA THR B 42 -20.52 12.84 36.46
C THR B 42 -20.15 12.83 37.95
N TYR B 43 -19.43 11.81 38.42
CA TYR B 43 -18.94 11.70 39.80
C TYR B 43 -18.00 12.83 40.20
N LEU B 44 -17.39 13.54 39.22
CA LEU B 44 -16.51 14.68 39.49
C LEU B 44 -17.29 15.96 39.87
N GLY B 45 -18.60 15.85 40.09
CA GLY B 45 -19.43 16.95 40.54
C GLY B 45 -19.98 17.82 39.44
N ALA B 46 -20.45 19.01 39.86
CA ALA B 46 -21.03 20.06 39.03
C ALA B 46 -20.34 20.23 37.68
N ASP B 47 -21.05 20.78 36.68
CA ASP B 47 -20.48 21.00 35.36
C ASP B 47 -19.19 21.82 35.42
N MET B 48 -18.16 21.31 34.75
CA MET B 48 -16.88 21.95 34.71
C MET B 48 -16.88 23.07 33.66
N GLU B 49 -15.90 23.97 33.77
CA GLU B 49 -15.72 25.06 32.82
C GLU B 49 -15.14 24.42 31.55
N GLU B 50 -16.01 24.16 30.57
CA GLU B 50 -15.64 23.49 29.33
C GLU B 50 -14.90 24.40 28.36
N PHE B 51 -13.90 23.86 27.62
CA PHE B 51 -13.14 24.57 26.61
C PHE B 51 -13.47 24.00 25.24
N HIS B 52 -13.52 24.87 24.25
CA HIS B 52 -13.86 24.50 22.89
C HIS B 52 -12.62 24.39 21.99
N GLY B 53 -11.65 25.28 22.20
CA GLY B 53 -10.44 25.37 21.38
C GLY B 53 -9.57 24.14 21.38
N ARG B 54 -8.76 23.97 20.31
CA ARG B 54 -7.86 22.83 20.17
C ARG B 54 -6.50 23.29 19.62
N THR B 55 -5.41 22.80 20.24
CA THR B 55 -4.03 23.18 19.86
C THR B 55 -3.24 21.95 19.42
N LEU B 56 -2.42 22.09 18.37
CA LEU B 56 -1.56 21.01 17.89
C LEU B 56 -0.24 21.58 17.41
N HIS B 57 0.86 20.98 17.84
CA HIS B 57 2.21 21.39 17.47
C HIS B 57 2.64 20.70 16.19
N ASP B 58 3.55 21.33 15.44
CA ASP B 58 4.04 20.76 14.18
C ASP B 58 4.76 19.44 14.40
N ASP B 59 4.65 18.52 13.43
CA ASP B 59 5.32 17.24 13.50
C ASP B 59 6.84 17.43 13.50
N ASP B 60 7.54 16.61 14.31
CA ASP B 60 9.00 16.66 14.48
C ASP B 60 9.50 17.90 15.23
N SER B 61 8.61 18.86 15.58
CA SER B 61 9.02 20.07 16.30
C SER B 61 9.33 19.75 17.75
N CYS B 62 10.21 20.55 18.33
CA CYS B 62 10.61 20.38 19.72
C CYS B 62 9.86 21.38 20.59
N GLN B 63 9.27 20.88 21.69
CA GLN B 63 8.48 21.69 22.63
C GLN B 63 8.88 21.34 24.07
N VAL B 64 8.84 22.33 24.97
CA VAL B 64 9.11 22.10 26.40
C VAL B 64 7.75 22.13 27.10
N ILE B 65 7.36 21.01 27.71
CA ILE B 65 6.02 20.88 28.27
C ILE B 65 6.09 20.42 29.74
N PRO B 66 5.26 20.96 30.65
CA PRO B 66 5.31 20.51 32.05
C PRO B 66 4.70 19.14 32.27
N VAL B 67 5.29 18.36 33.20
CA VAL B 67 4.86 17.02 33.54
C VAL B 67 4.13 17.07 34.87
N LEU B 68 3.00 16.34 34.98
CA LEU B 68 2.28 16.28 36.26
C LEU B 68 3.01 15.23 37.12
N PRO B 69 3.41 15.60 38.34
CA PRO B 69 4.28 14.69 39.12
C PRO B 69 3.73 13.33 39.55
N GLN B 70 2.49 13.26 40.08
CA GLN B 70 1.96 11.98 40.58
C GLN B 70 1.14 11.21 39.55
N VAL B 71 1.14 11.63 38.26
CA VAL B 71 0.42 10.90 37.22
C VAL B 71 1.31 9.75 36.80
N MET B 72 0.84 8.52 37.07
CA MET B 72 1.51 7.28 36.71
C MET B 72 0.59 6.66 35.68
N MET B 73 0.61 7.21 34.47
CA MET B 73 -0.25 6.76 33.39
C MET B 73 0.50 6.72 32.09
N ILE B 74 0.00 5.88 31.17
CA ILE B 74 0.53 5.69 29.83
C ILE B 74 -0.68 5.99 28.93
N LEU B 75 -0.80 7.29 28.57
CA LEU B 75 -1.95 7.85 27.84
C LEU B 75 -1.85 7.66 26.35
N ILE B 76 -2.97 7.29 25.71
CA ILE B 76 -3.06 7.05 24.27
C ILE B 76 -3.72 8.26 23.61
N PRO B 77 -3.27 8.74 22.43
CA PRO B 77 -3.99 9.85 21.78
C PRO B 77 -5.49 9.54 21.61
N GLY B 78 -6.34 10.50 21.95
CA GLY B 78 -7.78 10.36 21.91
C GLY B 78 -8.42 9.87 23.20
N GLN B 79 -7.60 9.36 24.12
CA GLN B 79 -8.09 8.85 25.39
C GLN B 79 -8.37 9.97 26.40
N THR B 80 -9.48 9.85 27.14
CA THR B 80 -9.86 10.83 28.15
C THR B 80 -9.23 10.48 29.48
N LEU B 81 -8.57 11.43 30.12
CA LEU B 81 -7.91 11.25 31.40
C LEU B 81 -8.47 12.20 32.45
N PRO B 82 -9.29 11.72 33.42
CA PRO B 82 -9.76 12.59 34.50
C PRO B 82 -8.75 12.62 35.65
N LEU B 83 -8.58 13.78 36.30
CA LEU B 83 -7.60 13.94 37.38
C LEU B 83 -8.18 14.75 38.51
N GLN B 84 -7.67 14.54 39.73
CA GLN B 84 -8.01 15.36 40.87
C GLN B 84 -6.66 15.72 41.46
N LEU B 85 -6.31 17.01 41.40
CA LEU B 85 -5.02 17.50 41.88
C LEU B 85 -5.19 18.19 43.22
N PHE B 86 -4.38 17.79 44.19
CA PHE B 86 -4.50 18.27 45.57
C PHE B 86 -3.33 19.17 45.99
N HIS B 87 -2.09 18.81 45.60
CA HIS B 87 -0.90 19.54 45.99
C HIS B 87 -0.92 21.01 45.49
N PRO B 88 -0.57 22.03 46.31
CA PRO B 88 -0.63 23.42 45.82
C PRO B 88 0.23 23.73 44.59
N GLN B 89 1.34 22.98 44.42
CA GLN B 89 2.24 23.14 43.28
C GLN B 89 1.58 22.58 41.99
N GLU B 90 0.82 21.47 42.11
CA GLU B 90 0.06 20.86 41.00
C GLU B 90 -1.09 21.79 40.61
N VAL B 91 -1.82 22.33 41.61
CA VAL B 91 -2.95 23.25 41.41
C VAL B 91 -2.45 24.51 40.67
N SER B 92 -1.31 25.08 41.11
CA SER B 92 -0.68 26.28 40.51
C SER B 92 -0.33 26.03 39.04
N MET B 93 0.34 24.89 38.76
CA MET B 93 0.76 24.49 37.42
C MET B 93 -0.43 24.44 36.45
N VAL B 94 -1.57 23.89 36.91
CA VAL B 94 -2.78 23.77 36.09
C VAL B 94 -3.41 25.15 35.85
N ARG B 95 -3.45 26.03 36.88
CA ARG B 95 -3.99 27.38 36.72
C ARG B 95 -3.24 28.14 35.61
N ASN B 96 -1.91 27.92 35.53
CA ASN B 96 -1.05 28.53 34.51
C ASN B 96 -1.35 27.95 33.13
N LEU B 97 -1.53 26.60 33.03
CA LEU B 97 -1.83 25.90 31.77
C LEU B 97 -3.18 26.35 31.23
N ILE B 98 -4.18 26.49 32.10
CA ILE B 98 -5.52 26.92 31.71
C ILE B 98 -5.47 28.28 31.00
N GLN B 99 -4.63 29.20 31.52
CA GLN B 99 -4.44 30.51 30.93
C GLN B 99 -3.63 30.43 29.61
N LYS B 100 -2.58 29.58 29.57
CA LYS B 100 -1.69 29.42 28.42
C LYS B 100 -2.24 28.36 27.38
N ASP B 101 -1.47 27.29 27.01
CA ASP B 101 -1.81 26.29 25.98
C ASP B 101 -2.74 25.13 26.43
N ARG B 102 -2.94 24.95 27.76
CA ARG B 102 -3.74 23.89 28.37
C ARG B 102 -3.14 22.48 28.16
N THR B 103 -1.87 22.39 27.73
CA THR B 103 -1.24 21.13 27.39
C THR B 103 -0.11 20.72 28.35
N PHE B 104 -0.20 19.50 28.89
CA PHE B 104 0.84 18.92 29.75
C PHE B 104 1.37 17.62 29.11
N ALA B 105 2.52 17.12 29.59
CA ALA B 105 3.16 15.90 29.09
C ALA B 105 2.85 14.75 30.03
N VAL B 106 2.41 13.60 29.48
CA VAL B 106 2.10 12.41 30.27
C VAL B 106 3.15 11.35 29.92
N LEU B 107 4.16 11.18 30.79
CA LEU B 107 5.26 10.25 30.53
C LEU B 107 4.90 8.78 30.67
N ALA B 108 5.33 7.98 29.68
CA ALA B 108 5.17 6.54 29.66
C ALA B 108 6.41 5.98 30.39
N TYR B 109 6.27 5.70 31.69
CA TYR B 109 7.40 5.24 32.50
C TYR B 109 7.83 3.79 32.26
N SER B 110 9.07 3.61 31.75
CA SER B 110 9.70 2.31 31.57
C SER B 110 10.04 1.77 32.97
N ASN B 111 10.70 2.61 33.81
CA ASN B 111 11.00 2.34 35.21
C ASN B 111 10.34 3.46 36.00
N VAL B 112 9.24 3.14 36.68
CA VAL B 112 8.47 4.11 37.47
C VAL B 112 9.23 4.60 38.72
N GLN B 113 9.98 3.69 39.40
CA GLN B 113 10.74 4.06 40.61
C GLN B 113 11.80 5.15 40.36
N GLU B 114 12.69 4.94 39.37
CA GLU B 114 13.72 5.93 39.03
C GLU B 114 13.24 6.99 37.99
N ARG B 115 11.91 7.07 37.76
CA ARG B 115 11.24 8.01 36.84
C ARG B 115 11.91 8.06 35.45
N GLU B 116 12.15 6.88 34.84
CA GLU B 116 12.74 6.78 33.50
C GLU B 116 11.60 6.78 32.47
N ALA B 117 11.74 7.54 31.39
CA ALA B 117 10.72 7.60 30.33
C ALA B 117 11.37 8.03 29.04
N GLN B 118 11.17 7.26 27.97
CA GLN B 118 11.71 7.57 26.64
C GLN B 118 10.63 8.16 25.72
N PHE B 119 9.35 7.84 25.99
CA PHE B 119 8.21 8.28 25.22
C PHE B 119 7.11 8.81 26.13
N GLY B 120 6.04 9.29 25.52
CA GLY B 120 4.89 9.82 26.24
C GLY B 120 3.88 10.43 25.29
N THR B 121 2.83 11.05 25.84
CA THR B 121 1.77 11.66 25.03
C THR B 121 1.36 13.00 25.63
N THR B 122 1.07 14.01 24.80
CA THR B 122 0.59 15.30 25.28
C THR B 122 -0.87 15.13 25.70
N ALA B 123 -1.31 15.90 26.67
CA ALA B 123 -2.67 15.85 27.15
C ALA B 123 -3.20 17.27 27.20
N GLU B 124 -4.35 17.53 26.56
CA GLU B 124 -4.97 18.85 26.52
C GLU B 124 -6.17 18.89 27.44
N ILE B 125 -6.17 19.83 28.40
CA ILE B 125 -7.24 20.02 29.38
C ILE B 125 -8.43 20.58 28.62
N TYR B 126 -9.55 19.86 28.62
CA TYR B 126 -10.77 20.32 27.96
C TYR B 126 -11.86 20.72 28.97
N ALA B 127 -11.69 20.43 30.27
CA ALA B 127 -12.63 20.84 31.30
C ALA B 127 -11.90 20.95 32.64
N TYR B 128 -12.31 21.86 33.52
CA TYR B 128 -11.69 22.02 34.84
C TYR B 128 -12.69 22.59 35.87
N ARG B 129 -12.41 22.39 37.16
CA ARG B 129 -13.24 22.95 38.22
C ARG B 129 -12.40 23.10 39.49
N GLU B 130 -12.37 24.30 40.06
CA GLU B 130 -11.63 24.55 41.29
C GLU B 130 -12.61 24.54 42.46
N GLU B 131 -12.23 23.89 43.58
CA GLU B 131 -13.08 23.79 44.76
C GLU B 131 -12.25 24.08 46.01
N GLN B 132 -12.75 24.94 46.92
CA GLN B 132 -12.08 25.25 48.20
C GLN B 132 -12.92 24.62 49.29
N ASP B 133 -13.11 23.30 49.19
CA ASP B 133 -13.93 22.51 50.12
C ASP B 133 -13.23 22.31 51.44
N PHE B 134 -13.94 22.65 52.56
CA PHE B 134 -13.49 22.58 53.95
C PHE B 134 -12.50 23.74 54.24
N GLY B 135 -11.40 23.75 53.49
CA GLY B 135 -10.36 24.76 53.52
C GLY B 135 -9.12 24.36 52.72
N ILE B 136 -9.29 23.49 51.69
CA ILE B 136 -8.23 22.90 50.86
C ILE B 136 -8.55 23.21 49.39
N GLU B 137 -7.61 23.84 48.67
CA GLU B 137 -7.81 24.17 47.25
C GLU B 137 -7.50 22.95 46.40
N ILE B 138 -8.53 22.38 45.75
CA ILE B 138 -8.36 21.20 44.90
C ILE B 138 -8.92 21.49 43.51
N VAL B 139 -8.25 20.96 42.46
CA VAL B 139 -8.70 21.19 41.08
C VAL B 139 -8.93 19.85 40.37
N LYS B 140 -10.16 19.67 39.85
CA LYS B 140 -10.60 18.51 39.09
C LYS B 140 -10.42 18.88 37.60
N VAL B 141 -9.85 17.98 36.80
CA VAL B 141 -9.50 18.22 35.39
C VAL B 141 -9.93 17.04 34.51
N LYS B 142 -10.31 17.32 33.28
CA LYS B 142 -10.62 16.29 32.29
C LYS B 142 -9.72 16.64 31.12
N ALA B 143 -8.78 15.76 30.78
CA ALA B 143 -7.83 15.98 29.68
C ALA B 143 -8.00 14.89 28.58
N ILE B 144 -7.41 15.11 27.40
CA ILE B 144 -7.45 14.15 26.30
C ILE B 144 -6.08 14.05 25.66
N GLY B 145 -5.68 12.83 25.29
CA GLY B 145 -4.40 12.59 24.65
C GLY B 145 -4.42 13.18 23.25
N ARG B 146 -3.33 13.84 22.85
CA ARG B 146 -3.29 14.48 21.53
C ARG B 146 -2.15 13.95 20.64
N GLN B 147 -0.89 14.24 21.01
CA GLN B 147 0.26 13.88 20.18
C GLN B 147 1.28 13.04 20.92
N ARG B 148 1.78 11.98 20.28
CA ARG B 148 2.83 11.13 20.84
C ARG B 148 4.14 11.91 20.78
N PHE B 149 5.10 11.56 21.65
CA PHE B 149 6.39 12.23 21.64
C PHE B 149 7.54 11.36 22.10
N LYS B 150 8.75 11.83 21.79
CA LYS B 150 10.02 11.24 22.18
C LYS B 150 10.60 12.22 23.19
N VAL B 151 10.97 11.72 24.37
CA VAL B 151 11.54 12.55 25.42
C VAL B 151 13.02 12.78 25.05
N LEU B 152 13.43 14.05 24.88
CA LEU B 152 14.81 14.44 24.53
C LEU B 152 15.61 14.73 25.82
N GLU B 153 14.96 15.36 26.83
CA GLU B 153 15.59 15.68 28.10
C GLU B 153 14.51 15.96 29.18
N LEU B 154 14.84 15.69 30.44
CA LEU B 154 13.95 15.93 31.58
C LEU B 154 14.76 16.70 32.61
N ARG B 155 14.21 17.77 33.19
CA ARG B 155 14.90 18.50 34.24
C ARG B 155 13.88 18.99 35.24
N THR B 156 14.14 18.71 36.52
CA THR B 156 13.29 19.18 37.61
C THR B 156 13.76 20.59 37.96
N GLN B 157 12.85 21.57 38.02
CA GLN B 157 13.20 22.97 38.32
C GLN B 157 13.34 23.25 39.82
N SER B 158 13.92 24.44 40.17
CA SER B 158 14.09 24.93 41.56
C SER B 158 12.76 25.03 42.35
N ASP B 159 11.61 24.91 41.67
CA ASP B 159 10.26 24.93 42.27
C ASP B 159 9.80 23.52 42.68
N GLY B 160 10.42 22.47 42.12
CA GLY B 160 10.07 21.07 42.35
C GLY B 160 9.28 20.46 41.21
N ILE B 161 8.74 21.31 40.29
CA ILE B 161 7.93 20.86 39.15
C ILE B 161 8.86 20.67 37.95
N GLN B 162 8.73 19.55 37.21
CA GLN B 162 9.64 19.26 36.10
C GLN B 162 9.04 19.52 34.72
N GLN B 163 9.94 19.86 33.78
CA GLN B 163 9.65 20.17 32.40
C GLN B 163 10.31 19.11 31.51
N ALA B 164 9.67 18.81 30.38
CA ALA B 164 10.17 17.82 29.45
C ALA B 164 10.45 18.44 28.09
N LYS B 165 11.72 18.33 27.63
CA LYS B 165 12.14 18.75 26.29
C LYS B 165 11.70 17.56 25.45
N VAL B 166 10.80 17.82 24.52
CA VAL B 166 10.07 16.79 23.78
C VAL B 166 10.14 17.03 22.28
N GLN B 167 10.02 15.94 21.51
CA GLN B 167 9.98 15.99 20.06
C GLN B 167 8.70 15.28 19.61
N ILE B 168 7.81 16.02 18.93
CA ILE B 168 6.52 15.49 18.49
C ILE B 168 6.75 14.40 17.43
N LEU B 169 6.32 13.16 17.73
CA LEU B 169 6.50 12.06 16.81
C LEU B 169 5.43 12.10 15.74
N PRO B 170 5.82 12.04 14.46
CA PRO B 170 4.82 12.08 13.40
C PRO B 170 4.06 10.77 13.25
N GLU B 171 2.85 10.87 12.74
CA GLU B 171 2.01 9.71 12.48
C GLU B 171 2.27 9.30 11.03
N CYS B 172 2.80 8.10 10.82
CA CYS B 172 3.09 7.63 9.47
C CYS B 172 1.84 7.26 8.69
N VAL B 173 1.55 8.04 7.66
CA VAL B 173 0.42 7.79 6.79
C VAL B 173 0.98 7.18 5.50
N LEU B 174 0.54 5.97 5.15
CA LEU B 174 0.96 5.33 3.91
C LEU B 174 -0.19 5.39 2.93
N PRO B 175 0.12 5.47 1.63
CA PRO B 175 -0.97 5.44 0.63
C PRO B 175 -1.48 4.02 0.45
N SER B 176 -2.51 3.82 -0.40
CA SER B 176 -3.02 2.48 -0.71
C SER B 176 -1.88 1.56 -1.14
N THR B 177 -1.85 0.31 -0.67
CA THR B 177 -0.80 -0.62 -1.09
C THR B 177 -0.73 -0.79 -2.64
N MET B 178 -1.86 -0.55 -3.32
CA MET B 178 -1.96 -0.62 -4.78
C MET B 178 -1.54 0.68 -5.48
N SER B 179 -1.31 1.80 -4.77
CA SER B 179 -0.95 3.06 -5.41
C SER B 179 0.32 3.00 -6.23
N ALA B 180 1.35 2.29 -5.77
CA ALA B 180 2.59 2.21 -6.52
C ALA B 180 2.35 1.50 -7.88
N VAL B 181 1.74 0.30 -7.88
CA VAL B 181 1.50 -0.43 -9.14
C VAL B 181 0.43 0.18 -10.06
N GLN B 182 -0.78 0.41 -9.50
CA GLN B 182 -2.04 0.81 -10.14
C GLN B 182 -1.95 1.28 -11.60
N LEU B 183 -2.78 0.63 -12.44
CA LEU B 183 -2.94 0.97 -13.84
C LEU B 183 -3.84 2.21 -13.86
N GLU B 184 -3.47 3.18 -14.69
CA GLU B 184 -4.13 4.48 -14.80
C GLU B 184 -5.57 4.35 -15.32
N SER B 185 -5.83 3.31 -16.14
CA SER B 185 -7.16 3.01 -16.68
C SER B 185 -8.13 2.51 -15.58
N LEU B 186 -7.59 1.97 -14.47
CA LEU B 186 -8.39 1.49 -13.35
C LEU B 186 -8.40 2.46 -12.16
N ASN B 187 -7.85 3.69 -12.31
CA ASN B 187 -7.84 4.72 -11.26
C ASN B 187 -9.28 5.16 -10.98
N LYS B 188 -10.08 5.36 -12.04
CA LYS B 188 -11.49 5.75 -11.99
C LYS B 188 -12.42 4.67 -11.35
N CYS B 189 -11.88 3.47 -11.03
CA CYS B 189 -12.60 2.37 -10.36
C CYS B 189 -12.23 2.26 -8.86
N GLN B 190 -11.29 3.09 -8.36
CA GLN B 190 -10.83 3.04 -6.99
C GLN B 190 -11.78 3.70 -5.97
N ILE B 191 -12.80 4.46 -6.44
CA ILE B 191 -13.83 5.00 -5.55
C ILE B 191 -14.97 3.91 -5.62
N PHE B 192 -15.42 3.36 -4.46
CA PHE B 192 -16.45 2.30 -4.45
C PHE B 192 -17.74 2.77 -3.78
N PRO B 193 -18.94 2.36 -4.27
CA PRO B 193 -20.18 2.82 -3.61
C PRO B 193 -20.48 2.12 -2.28
N ASP B 201 -29.60 -4.33 2.68
CA ASP B 201 -30.49 -5.31 2.05
C ASP B 201 -29.76 -6.49 1.35
N GLN B 202 -28.57 -6.26 0.70
CA GLN B 202 -27.83 -7.30 -0.04
C GLN B 202 -26.72 -8.01 0.80
N CYS B 203 -26.23 -9.18 0.30
CA CYS B 203 -25.30 -10.12 0.99
C CYS B 203 -23.90 -9.52 1.23
N SER B 204 -23.57 -9.24 2.52
CA SER B 204 -22.31 -8.63 2.94
C SER B 204 -21.04 -9.36 2.48
N TYR B 205 -21.07 -10.70 2.46
CA TYR B 205 -19.93 -11.52 1.99
C TYR B 205 -19.71 -11.27 0.49
N LYS B 206 -20.81 -11.17 -0.31
CA LYS B 206 -20.70 -10.89 -1.74
C LYS B 206 -20.12 -9.49 -1.94
N TRP B 207 -20.44 -8.53 -1.03
CA TRP B 207 -19.91 -7.17 -1.08
C TRP B 207 -18.40 -7.16 -0.86
N TRP B 208 -17.93 -7.86 0.18
CA TRP B 208 -16.51 -7.91 0.48
C TRP B 208 -15.71 -8.66 -0.56
N GLN B 209 -16.34 -9.66 -1.21
CA GLN B 209 -15.72 -10.38 -2.33
C GLN B 209 -15.47 -9.41 -3.49
N LYS B 210 -16.48 -8.57 -3.83
CA LYS B 210 -16.37 -7.59 -4.90
C LYS B 210 -15.37 -6.50 -4.54
N TYR B 211 -15.33 -6.10 -3.25
CA TYR B 211 -14.42 -5.10 -2.74
C TYR B 211 -12.97 -5.55 -3.00
N GLN B 212 -12.65 -6.79 -2.59
CA GLN B 212 -11.33 -7.35 -2.74
C GLN B 212 -10.92 -7.51 -4.22
N LYS B 213 -11.86 -7.95 -5.07
CA LYS B 213 -11.54 -8.13 -6.48
C LYS B 213 -11.25 -6.81 -7.19
N ARG B 214 -11.95 -5.73 -6.80
CA ARG B 214 -11.76 -4.42 -7.44
C ARG B 214 -10.61 -3.61 -6.86
N LYS B 215 -10.52 -3.50 -5.52
CA LYS B 215 -9.46 -2.73 -4.88
C LYS B 215 -8.08 -3.32 -5.21
N PHE B 216 -7.97 -4.66 -5.18
CA PHE B 216 -6.70 -5.36 -5.40
C PHE B 216 -6.59 -6.06 -6.73
N HIS B 217 -7.24 -5.55 -7.79
CA HIS B 217 -7.11 -6.16 -9.10
C HIS B 217 -5.64 -6.09 -9.56
N CYS B 218 -4.97 -4.95 -9.35
CA CYS B 218 -3.58 -4.79 -9.79
C CYS B 218 -2.55 -5.57 -8.98
N ALA B 219 -2.99 -6.47 -8.11
CA ALA B 219 -2.07 -7.37 -7.40
C ALA B 219 -1.42 -8.38 -8.37
N ASN B 220 -2.08 -8.66 -9.53
CA ASN B 220 -1.53 -9.55 -10.55
C ASN B 220 -0.34 -8.94 -11.32
N LEU B 221 -0.02 -7.66 -11.12
CA LEU B 221 1.20 -7.08 -11.67
C LEU B 221 2.37 -7.30 -10.69
N THR B 222 2.14 -7.83 -9.47
CA THR B 222 3.14 -8.03 -8.43
C THR B 222 3.39 -9.55 -8.14
N SER B 223 4.23 -9.87 -7.12
CA SER B 223 4.54 -11.22 -6.71
C SER B 223 3.48 -11.84 -5.74
N TRP B 224 2.43 -11.09 -5.37
CA TRP B 224 1.47 -11.55 -4.35
C TRP B 224 -0.01 -11.53 -4.77
N PRO B 225 -0.86 -12.35 -4.08
CA PRO B 225 -2.29 -12.34 -4.40
C PRO B 225 -3.09 -11.24 -3.70
N ARG B 226 -4.35 -11.03 -4.15
CA ARG B 226 -5.27 -10.05 -3.60
C ARG B 226 -5.47 -10.27 -2.12
N TRP B 227 -5.66 -11.53 -1.71
CA TRP B 227 -5.90 -11.86 -0.31
C TRP B 227 -4.75 -11.45 0.62
N LEU B 228 -3.51 -11.31 0.08
CA LEU B 228 -2.40 -10.86 0.92
C LEU B 228 -2.51 -9.37 1.14
N TYR B 229 -2.78 -8.60 0.09
CA TYR B 229 -2.89 -7.15 0.22
C TYR B 229 -4.02 -6.75 1.17
N SER B 230 -5.09 -7.58 1.26
CA SER B 230 -6.22 -7.38 2.19
C SER B 230 -5.75 -7.40 3.67
N LEU B 231 -4.74 -8.19 3.97
CA LEU B 231 -4.18 -8.27 5.31
C LEU B 231 -3.45 -6.96 5.73
N TYR B 232 -3.16 -6.05 4.77
CA TYR B 232 -2.53 -4.75 5.02
C TYR B 232 -3.45 -3.59 4.55
N ASP B 233 -4.76 -3.83 4.43
CA ASP B 233 -5.73 -2.84 3.98
C ASP B 233 -6.50 -2.27 5.14
N ALA B 234 -6.38 -0.96 5.39
CA ALA B 234 -7.01 -0.31 6.52
C ALA B 234 -8.51 -0.61 6.68
N GLU B 235 -9.31 -0.53 5.60
CA GLU B 235 -10.76 -0.74 5.65
C GLU B 235 -11.13 -2.17 6.00
N THR B 236 -10.37 -3.13 5.47
CA THR B 236 -10.57 -4.55 5.75
C THR B 236 -10.15 -4.90 7.19
N LEU B 237 -9.01 -4.35 7.65
CA LEU B 237 -8.53 -4.54 9.03
C LEU B 237 -9.51 -3.89 10.01
N MET B 238 -10.01 -2.68 9.71
CA MET B 238 -10.98 -2.01 10.55
C MET B 238 -12.28 -2.80 10.59
N ASP B 239 -12.72 -3.39 9.46
CA ASP B 239 -13.94 -4.20 9.45
C ASP B 239 -13.75 -5.46 10.31
N ARG B 240 -12.56 -6.06 10.30
CA ARG B 240 -12.28 -7.24 11.11
C ARG B 240 -12.30 -6.92 12.60
N ILE B 241 -11.78 -5.73 12.97
CA ILE B 241 -11.79 -5.28 14.36
C ILE B 241 -13.24 -4.98 14.79
N LYS B 242 -14.01 -4.26 13.95
CA LYS B 242 -15.43 -3.96 14.19
C LYS B 242 -16.21 -5.24 14.53
N LYS B 243 -15.91 -6.36 13.85
CA LYS B 243 -16.61 -7.63 14.10
C LYS B 243 -16.42 -8.14 15.54
N GLN B 244 -15.26 -7.82 16.15
CA GLN B 244 -14.91 -8.20 17.54
C GLN B 244 -15.50 -7.19 18.53
N LEU B 245 -15.47 -5.90 18.15
CA LEU B 245 -16.02 -4.82 18.96
C LEU B 245 -17.54 -4.95 19.08
N ARG B 246 -18.22 -5.48 18.02
CA ARG B 246 -19.68 -5.71 18.04
C ARG B 246 -20.02 -6.80 19.08
N GLU B 247 -19.12 -7.78 19.27
CA GLU B 247 -19.30 -8.80 20.31
C GLU B 247 -19.26 -8.20 21.74
N TRP B 248 -18.64 -7.01 21.93
CA TRP B 248 -18.51 -6.33 23.22
C TRP B 248 -19.57 -5.27 23.43
N ASP B 249 -19.94 -4.54 22.38
CA ASP B 249 -20.95 -3.49 22.50
C ASP B 249 -22.03 -3.71 21.46
N GLU B 250 -23.28 -3.50 21.89
CA GLU B 250 -24.41 -3.57 20.99
C GLU B 250 -24.64 -2.13 20.57
N ASN B 251 -23.70 -1.61 19.72
CA ASN B 251 -23.72 -0.25 19.19
C ASN B 251 -23.10 -0.14 17.79
N LEU B 252 -23.71 0.74 16.98
CA LEU B 252 -23.42 1.06 15.58
C LEU B 252 -22.06 1.66 15.23
N LYS B 253 -21.56 1.27 14.06
CA LYS B 253 -20.30 1.78 13.48
C LYS B 253 -20.52 3.22 13.05
N ASP B 254 -21.68 3.48 12.38
CA ASP B 254 -22.17 4.77 11.88
C ASP B 254 -21.74 5.97 12.75
N ASP B 255 -22.05 5.89 14.05
CA ASP B 255 -21.80 6.98 14.98
C ASP B 255 -20.51 6.72 15.79
N SER B 256 -20.61 5.78 16.74
CA SER B 256 -19.60 5.47 17.73
C SER B 256 -18.15 5.39 17.20
N LEU B 257 -17.89 4.61 16.14
CA LEU B 257 -16.53 4.39 15.68
C LEU B 257 -16.02 5.44 14.69
N PRO B 258 -14.72 5.87 14.78
CA PRO B 258 -14.20 6.83 13.78
C PRO B 258 -13.94 6.21 12.41
N SER B 259 -13.89 7.06 11.40
CA SER B 259 -13.65 6.63 10.02
C SER B 259 -12.16 6.57 9.70
N ASN B 260 -11.37 7.48 10.26
CA ASN B 260 -9.94 7.55 9.98
C ASN B 260 -9.20 6.35 10.61
N PRO B 261 -8.37 5.61 9.86
CA PRO B 261 -7.63 4.48 10.48
C PRO B 261 -6.80 4.90 11.69
N ILE B 262 -6.18 6.09 11.67
CA ILE B 262 -5.35 6.59 12.78
C ILE B 262 -6.18 6.66 14.05
N ASP B 263 -7.34 7.34 13.99
CA ASP B 263 -8.23 7.54 15.12
C ASP B 263 -8.87 6.24 15.56
N PHE B 264 -9.27 5.39 14.62
CA PHE B 264 -9.86 4.10 14.94
C PHE B 264 -8.82 3.24 15.68
N SER B 265 -7.59 3.17 15.15
CA SER B 265 -6.51 2.39 15.78
C SER B 265 -6.20 2.89 17.18
N TYR B 266 -6.24 4.20 17.44
CA TYR B 266 -6.02 4.73 18.78
C TYR B 266 -7.21 4.52 19.70
N ARG B 267 -8.42 4.59 19.17
CA ARG B 267 -9.65 4.34 19.94
C ARG B 267 -9.67 2.89 20.41
N VAL B 268 -9.22 1.94 19.57
CA VAL B 268 -9.18 0.52 19.92
C VAL B 268 -8.04 0.26 20.92
N ALA B 269 -6.87 0.89 20.73
CA ALA B 269 -5.72 0.77 21.64
C ALA B 269 -6.08 1.22 23.06
N ALA B 270 -6.86 2.30 23.17
CA ALA B 270 -7.28 2.84 24.47
C ALA B 270 -8.15 1.89 25.30
N CYS B 271 -8.92 0.99 24.67
CA CYS B 271 -9.80 0.08 25.40
C CYS B 271 -9.37 -1.41 25.32
N LEU B 272 -8.09 -1.69 25.02
CA LEU B 272 -7.55 -3.06 25.02
C LEU B 272 -6.90 -3.30 26.39
N PRO B 273 -7.40 -4.29 27.18
CA PRO B 273 -6.80 -4.54 28.50
C PRO B 273 -5.50 -5.32 28.44
N ILE B 274 -4.39 -4.61 28.14
CA ILE B 274 -3.06 -5.21 28.06
C ILE B 274 -2.14 -4.59 29.12
N ASP B 275 -1.07 -5.30 29.44
CA ASP B 275 -0.07 -4.82 30.40
C ASP B 275 0.75 -3.64 29.81
N ASP B 276 1.45 -2.92 30.67
CA ASP B 276 2.18 -1.72 30.29
C ASP B 276 3.31 -1.97 29.30
N VAL B 277 3.98 -3.13 29.36
CA VAL B 277 5.05 -3.44 28.40
C VAL B 277 4.51 -3.56 26.97
N LEU B 278 3.34 -4.22 26.81
CA LEU B 278 2.69 -4.37 25.51
C LEU B 278 2.14 -3.03 25.04
N ARG B 279 1.48 -2.27 25.94
CA ARG B 279 0.92 -0.99 25.56
C ARG B 279 1.99 -0.01 25.10
N ILE B 280 3.17 -0.02 25.72
CA ILE B 280 4.26 0.86 25.31
C ILE B 280 4.73 0.50 23.90
N GLN B 281 4.86 -0.81 23.60
CA GLN B 281 5.26 -1.24 22.25
C GLN B 281 4.21 -0.83 21.23
N LEU B 282 2.93 -1.00 21.59
CA LEU B 282 1.81 -0.62 20.75
C LEU B 282 1.85 0.88 20.47
N LEU B 283 2.14 1.69 21.49
CA LEU B 283 2.23 3.15 21.36
C LEU B 283 3.39 3.56 20.44
N LYS B 284 4.54 2.84 20.54
CA LYS B 284 5.73 3.09 19.72
C LYS B 284 5.49 2.89 18.21
N ILE B 285 4.41 2.16 17.82
CA ILE B 285 4.04 1.93 16.41
C ILE B 285 3.60 3.28 15.82
N GLY B 286 4.19 3.63 14.67
CA GLY B 286 3.91 4.87 13.96
C GLY B 286 2.87 4.75 12.87
N SER B 287 2.74 3.53 12.27
CA SER B 287 1.78 3.30 11.19
C SER B 287 0.47 2.74 11.70
N ALA B 288 -0.65 3.35 11.28
CA ALA B 288 -1.98 2.87 11.65
C ALA B 288 -2.20 1.44 11.15
N ILE B 289 -1.65 1.06 9.96
CA ILE B 289 -1.82 -0.30 9.42
C ILE B 289 -1.18 -1.31 10.39
N GLN B 290 0.05 -1.05 10.84
CA GLN B 290 0.73 -1.91 11.79
C GLN B 290 0.05 -1.95 13.16
N ARG B 291 -0.53 -0.82 13.59
CA ARG B 291 -1.24 -0.71 14.87
C ARG B 291 -2.50 -1.57 14.83
N LEU B 292 -3.32 -1.42 13.76
CA LEU B 292 -4.53 -2.21 13.54
C LEU B 292 -4.20 -3.71 13.45
N ARG B 293 -3.13 -4.08 12.74
CA ARG B 293 -2.74 -5.50 12.61
C ARG B 293 -2.33 -6.09 13.96
N CYS B 294 -1.57 -5.31 14.71
CA CYS B 294 -1.07 -5.65 16.04
C CYS B 294 -2.25 -5.83 17.04
N GLU B 295 -3.25 -4.96 16.97
CA GLU B 295 -4.42 -5.03 17.84
C GLU B 295 -5.23 -6.27 17.54
N LEU B 296 -5.46 -6.58 16.25
CA LEU B 296 -6.20 -7.78 15.83
C LEU B 296 -5.54 -9.05 16.37
N ASP B 297 -4.20 -9.08 16.33
CA ASP B 297 -3.47 -10.23 16.80
C ASP B 297 -3.60 -10.41 18.32
N ILE B 298 -3.53 -9.31 19.09
CA ILE B 298 -3.72 -9.34 20.55
C ILE B 298 -5.14 -9.83 20.85
N MET B 299 -6.13 -9.26 20.16
CA MET B 299 -7.54 -9.61 20.32
C MET B 299 -7.86 -11.06 20.05
N ASN B 300 -7.08 -11.71 19.19
CA ASN B 300 -7.33 -13.11 18.86
C ASN B 300 -6.49 -14.04 19.75
N LYS B 301 -5.22 -13.70 19.99
CA LYS B 301 -4.34 -14.51 20.84
C LYS B 301 -4.76 -14.51 22.32
N CYS B 302 -4.80 -13.31 22.95
CA CYS B 302 -5.11 -13.14 24.38
C CYS B 302 -6.61 -13.25 24.67
N THR B 303 -7.04 -14.46 25.02
CA THR B 303 -8.42 -14.77 25.33
C THR B 303 -8.71 -14.83 26.86
N SER B 304 -7.66 -14.99 27.69
CA SER B 304 -7.81 -15.08 29.16
C SER B 304 -7.15 -13.86 29.83
N LEU B 305 -7.67 -13.46 30.99
CA LEU B 305 -7.14 -12.35 31.77
C LEU B 305 -6.89 -12.85 33.17
N CYS B 306 -5.62 -12.84 33.59
CA CYS B 306 -5.19 -13.34 34.90
C CYS B 306 -4.81 -12.20 35.81
N CYS B 307 -4.63 -12.52 37.10
CA CYS B 307 -4.12 -11.56 38.07
C CYS B 307 -2.62 -11.38 37.76
N LYS B 308 -2.11 -10.15 37.76
CA LYS B 308 -0.72 -9.84 37.42
C LYS B 308 0.29 -10.37 38.44
N GLN B 309 -0.05 -10.30 39.73
CA GLN B 309 0.82 -10.76 40.81
C GLN B 309 0.89 -12.28 40.90
N CYS B 310 -0.23 -12.97 40.64
CA CYS B 310 -0.28 -14.43 40.61
C CYS B 310 0.30 -14.94 39.32
N GLN B 311 -0.14 -14.32 38.20
CA GLN B 311 0.13 -14.70 36.80
C GLN B 311 -0.68 -15.94 36.39
N GLU B 312 -1.04 -16.82 37.36
CA GLU B 312 -1.82 -18.04 37.17
C GLU B 312 -2.98 -18.08 38.18
N THR B 313 -3.87 -17.15 37.96
CA THR B 313 -5.17 -17.03 38.61
C THR B 313 -6.06 -16.32 37.60
N GLU B 314 -6.88 -17.08 36.86
CA GLU B 314 -7.77 -16.53 35.85
C GLU B 314 -8.87 -15.74 36.51
N ILE B 315 -9.08 -14.48 36.09
CA ILE B 315 -10.11 -13.62 36.63
C ILE B 315 -11.30 -13.60 35.67
N THR B 316 -11.06 -13.50 34.35
CA THR B 316 -12.13 -13.47 33.34
C THR B 316 -11.58 -13.81 31.93
N THR B 317 -12.47 -13.99 30.94
CA THR B 317 -12.12 -14.24 29.54
C THR B 317 -12.69 -13.13 28.66
N LYS B 318 -12.22 -13.01 27.40
CA LYS B 318 -12.73 -11.98 26.49
C LYS B 318 -14.23 -12.11 26.16
N ASN B 319 -14.80 -13.30 26.41
CA ASN B 319 -16.20 -13.60 26.17
C ASN B 319 -17.13 -12.91 27.18
N GLU B 320 -16.60 -12.51 28.36
CA GLU B 320 -17.35 -11.77 29.38
C GLU B 320 -17.21 -10.25 29.26
N ILE B 321 -16.25 -9.76 28.45
CA ILE B 321 -16.02 -8.34 28.24
C ILE B 321 -17.23 -7.72 27.56
N PHE B 322 -17.66 -6.55 28.06
CA PHE B 322 -18.79 -5.82 27.49
C PHE B 322 -18.62 -4.33 27.75
N SER B 323 -19.22 -3.52 26.89
CA SER B 323 -19.10 -2.08 27.00
C SER B 323 -20.26 -1.49 27.74
N LEU B 324 -20.00 -0.89 28.91
CA LEU B 324 -21.02 -0.15 29.66
C LEU B 324 -20.84 1.38 29.45
N SER B 325 -19.79 1.80 28.68
CA SER B 325 -19.50 3.17 28.31
C SER B 325 -19.34 3.22 26.78
N LEU B 326 -19.71 4.34 26.19
CA LEU B 326 -19.66 4.52 24.76
C LEU B 326 -18.23 4.38 24.18
N CYS B 327 -17.21 4.73 24.98
CA CYS B 327 -15.80 4.60 24.57
C CYS B 327 -15.29 3.15 24.54
N GLY B 328 -16.08 2.19 25.05
CA GLY B 328 -15.74 0.79 25.00
C GLY B 328 -15.81 0.10 26.34
N PRO B 329 -15.20 -1.11 26.42
CA PRO B 329 -15.24 -1.83 27.70
C PRO B 329 -14.34 -1.24 28.77
N MET B 330 -13.27 -0.53 28.37
CA MET B 330 -12.33 0.03 29.33
C MET B 330 -12.07 1.51 29.10
N ALA B 331 -12.06 2.27 30.20
CA ALA B 331 -11.80 3.71 30.20
C ALA B 331 -11.12 4.11 31.51
N ALA B 332 -10.45 5.28 31.54
CA ALA B 332 -9.80 5.77 32.74
C ALA B 332 -10.78 6.55 33.58
N TYR B 333 -10.81 6.28 34.90
CA TYR B 333 -11.62 7.01 35.88
C TYR B 333 -10.70 7.39 37.04
N VAL B 334 -11.06 8.43 37.78
CA VAL B 334 -10.25 8.90 38.91
C VAL B 334 -11.05 8.75 40.19
N ASN B 335 -10.39 8.31 41.25
CA ASN B 335 -11.06 8.11 42.54
C ASN B 335 -10.98 9.41 43.41
N PRO B 336 -11.66 9.49 44.58
CA PRO B 336 -11.63 10.73 45.37
C PRO B 336 -10.26 11.24 45.83
N HIS B 337 -9.20 10.43 45.73
CA HIS B 337 -7.84 10.82 46.13
C HIS B 337 -6.89 10.94 44.93
N GLY B 338 -7.44 11.16 43.74
CA GLY B 338 -6.65 11.36 42.53
C GLY B 338 -6.05 10.14 41.88
N TYR B 339 -6.30 8.94 42.43
CA TYR B 339 -5.76 7.72 41.86
C TYR B 339 -6.59 7.34 40.64
N VAL B 340 -5.92 7.15 39.50
CA VAL B 340 -6.57 6.82 38.23
C VAL B 340 -6.57 5.30 38.05
N HIS B 341 -7.70 4.77 37.55
CA HIS B 341 -7.89 3.35 37.30
C HIS B 341 -8.50 3.17 35.93
N GLU B 342 -7.82 2.41 35.05
CA GLU B 342 -8.41 2.06 33.76
C GLU B 342 -9.26 0.86 34.06
N THR B 343 -10.60 1.05 34.11
CA THR B 343 -11.56 0.05 34.53
C THR B 343 -12.28 -0.61 33.36
N LEU B 344 -12.04 -1.94 33.22
CA LEU B 344 -12.62 -2.82 32.21
C LEU B 344 -13.86 -3.49 32.79
N THR B 345 -15.04 -3.27 32.19
CA THR B 345 -16.30 -3.85 32.67
C THR B 345 -16.53 -5.26 32.09
N VAL B 346 -16.78 -6.28 32.95
CA VAL B 346 -17.06 -7.66 32.54
C VAL B 346 -18.32 -8.19 33.23
N TYR B 347 -19.02 -9.14 32.57
CA TYR B 347 -20.26 -9.72 33.09
C TYR B 347 -20.01 -10.64 34.26
N LYS B 348 -19.02 -11.54 34.11
CA LYS B 348 -18.63 -12.51 35.12
C LYS B 348 -17.13 -12.49 35.35
N ALA B 349 -16.75 -12.63 36.61
CA ALA B 349 -15.39 -12.75 37.07
C ALA B 349 -15.37 -13.82 38.15
N CYS B 350 -14.26 -14.53 38.24
CA CYS B 350 -14.07 -15.63 39.17
C CYS B 350 -12.74 -15.42 39.92
N ASN B 351 -12.52 -16.18 41.00
CA ASN B 351 -11.31 -16.07 41.81
C ASN B 351 -11.15 -14.70 42.49
N LEU B 352 -12.27 -14.11 42.95
CA LEU B 352 -12.24 -12.83 43.63
C LEU B 352 -12.98 -12.88 44.99
N ASN B 353 -12.41 -12.22 46.03
CA ASN B 353 -12.98 -12.06 47.39
C ASN B 353 -13.52 -10.66 47.50
N LEU B 354 -14.65 -10.46 48.18
CA LEU B 354 -15.18 -9.09 48.35
C LEU B 354 -14.87 -8.56 49.74
N ILE B 355 -14.26 -7.35 49.80
CA ILE B 355 -13.86 -6.71 51.05
C ILE B 355 -14.86 -5.61 51.41
N GLY B 356 -15.42 -5.73 52.60
CA GLY B 356 -16.37 -4.74 53.10
C GLY B 356 -17.76 -4.87 52.52
N ARG B 357 -18.55 -3.77 52.66
CA ARG B 357 -19.94 -3.67 52.20
C ARG B 357 -20.01 -2.74 50.95
N PRO B 358 -21.08 -2.83 50.12
CA PRO B 358 -21.15 -1.94 48.95
C PRO B 358 -21.32 -0.48 49.34
N SER B 359 -20.87 0.41 48.45
CA SER B 359 -20.96 1.85 48.65
C SER B 359 -21.25 2.54 47.31
N THR B 360 -22.08 3.55 47.34
CA THR B 360 -22.39 4.35 46.17
C THR B 360 -21.51 5.63 46.10
N GLU B 361 -20.62 5.86 47.13
CA GLU B 361 -19.74 7.02 47.24
C GLU B 361 -18.82 7.13 46.05
N HIS B 362 -19.00 8.20 45.24
CA HIS B 362 -18.13 8.48 44.10
C HIS B 362 -18.19 7.38 43.04
N SER B 363 -19.34 6.72 42.87
CA SER B 363 -19.49 5.62 41.92
C SER B 363 -19.34 6.09 40.47
N TRP B 364 -18.45 5.43 39.71
CA TRP B 364 -18.17 5.75 38.30
C TRP B 364 -19.30 5.31 37.36
N PHE B 365 -20.24 4.48 37.84
CA PHE B 365 -21.37 3.95 37.08
C PHE B 365 -22.60 4.32 37.90
N PRO B 366 -23.15 5.54 37.66
CA PRO B 366 -24.30 6.00 38.46
C PRO B 366 -25.45 5.01 38.53
N GLY B 367 -25.94 4.74 39.72
CA GLY B 367 -26.99 3.75 39.92
C GLY B 367 -26.47 2.41 40.39
N TYR B 368 -25.14 2.24 40.45
CA TYR B 368 -24.51 1.02 40.92
C TYR B 368 -23.67 1.32 42.15
N ALA B 369 -23.63 0.38 43.10
CA ALA B 369 -22.81 0.43 44.30
C ALA B 369 -21.58 -0.49 44.05
N TRP B 370 -20.41 -0.08 44.57
CA TRP B 370 -19.17 -0.83 44.38
C TRP B 370 -18.73 -1.51 45.67
N THR B 371 -18.07 -2.69 45.55
CA THR B 371 -17.47 -3.41 46.68
C THR B 371 -16.08 -3.82 46.21
N VAL B 372 -15.03 -3.51 46.99
CA VAL B 372 -13.66 -3.84 46.59
C VAL B 372 -13.50 -5.36 46.38
N ALA B 373 -12.79 -5.78 45.31
CA ALA B 373 -12.58 -7.19 44.99
C ALA B 373 -11.10 -7.49 44.91
N GLN B 374 -10.64 -8.49 45.65
CA GLN B 374 -9.24 -8.92 45.67
C GLN B 374 -9.09 -10.29 45.01
N CYS B 375 -7.86 -10.63 44.61
CA CYS B 375 -7.55 -11.95 44.09
C CYS B 375 -7.60 -12.92 45.25
N LYS B 376 -8.26 -14.07 45.10
CA LYS B 376 -8.36 -15.06 46.18
C LYS B 376 -7.03 -15.68 46.62
N ILE B 377 -6.02 -15.67 45.75
CA ILE B 377 -4.75 -16.30 46.06
C ILE B 377 -3.73 -15.31 46.65
N CYS B 378 -3.51 -14.17 46.00
CA CYS B 378 -2.51 -13.20 46.48
C CYS B 378 -3.11 -12.02 47.24
N ALA B 379 -4.45 -11.90 47.30
CA ALA B 379 -5.16 -10.80 47.97
C ALA B 379 -4.90 -9.39 47.37
N SER B 380 -4.28 -9.33 46.18
CA SER B 380 -4.05 -8.04 45.52
C SER B 380 -5.37 -7.49 45.01
N HIS B 381 -5.55 -6.16 45.08
CA HIS B 381 -6.73 -5.51 44.57
C HIS B 381 -6.81 -5.69 43.04
N ILE B 382 -7.88 -6.32 42.56
CA ILE B 382 -8.13 -6.55 41.13
C ILE B 382 -9.19 -5.58 40.59
N GLY B 383 -10.17 -5.19 41.41
CA GLY B 383 -11.19 -4.25 41.00
C GLY B 383 -12.30 -4.09 42.00
N TRP B 384 -13.54 -3.98 41.50
CA TRP B 384 -14.75 -3.82 42.31
C TRP B 384 -15.90 -4.56 41.66
N LYS B 385 -16.82 -5.05 42.47
CA LYS B 385 -18.05 -5.64 41.96
C LYS B 385 -19.10 -4.54 42.04
N PHE B 386 -19.82 -4.32 40.94
CA PHE B 386 -20.87 -3.32 40.87
C PHE B 386 -22.22 -4.02 40.93
N THR B 387 -23.07 -3.59 41.87
CA THR B 387 -24.40 -4.14 42.10
C THR B 387 -25.42 -3.00 42.00
N ALA B 388 -26.49 -3.22 41.22
CA ALA B 388 -27.54 -2.23 40.97
C ALA B 388 -28.26 -1.78 42.24
N THR B 389 -28.68 -0.49 42.28
CA THR B 389 -29.41 0.06 43.41
C THR B 389 -30.93 -0.19 43.25
N LYS B 390 -31.45 -0.21 42.00
CA LYS B 390 -32.88 -0.46 41.73
C LYS B 390 -33.08 -1.81 40.99
N LYS B 391 -34.23 -2.47 41.28
CA LYS B 391 -34.58 -3.79 40.71
C LYS B 391 -34.75 -3.77 39.19
N ASP B 392 -35.24 -2.66 38.66
CA ASP B 392 -35.47 -2.45 37.22
C ASP B 392 -34.19 -2.25 36.36
N MET B 393 -33.01 -2.13 36.99
CA MET B 393 -31.77 -1.92 36.26
C MET B 393 -31.25 -3.22 35.70
N SER B 394 -30.63 -3.17 34.52
CA SER B 394 -29.99 -4.34 33.92
C SER B 394 -28.67 -3.91 33.27
N PRO B 395 -27.55 -4.62 33.46
CA PRO B 395 -27.41 -5.84 34.28
C PRO B 395 -27.57 -5.53 35.77
N GLN B 396 -28.02 -6.51 36.54
CA GLN B 396 -28.17 -6.31 37.99
C GLN B 396 -26.76 -6.29 38.66
N LYS B 397 -25.75 -6.99 38.07
CA LYS B 397 -24.39 -6.96 38.58
C LYS B 397 -23.38 -7.15 37.46
N PHE B 398 -22.18 -6.58 37.66
CA PHE B 398 -21.04 -6.70 36.75
C PHE B 398 -19.76 -6.37 37.54
N TRP B 399 -18.58 -6.51 36.91
CA TRP B 399 -17.33 -6.23 37.57
C TRP B 399 -16.56 -5.16 36.83
N GLY B 400 -15.88 -4.31 37.58
CA GLY B 400 -15.00 -3.29 37.03
C GLY B 400 -13.60 -3.67 37.44
N LEU B 401 -12.76 -4.13 36.52
CA LEU B 401 -11.41 -4.59 36.82
C LEU B 401 -10.34 -3.54 36.43
N THR B 402 -9.41 -3.22 37.35
CA THR B 402 -8.38 -2.21 37.08
C THR B 402 -7.22 -2.83 36.27
N ARG B 403 -6.97 -2.30 35.05
CA ARG B 403 -5.94 -2.76 34.10
C ARG B 403 -4.55 -3.02 34.72
N SER B 404 -4.17 -2.19 35.69
CA SER B 404 -2.88 -2.32 36.39
C SER B 404 -2.72 -3.65 37.12
N ALA B 405 -3.83 -4.30 37.48
CA ALA B 405 -3.82 -5.58 38.20
C ALA B 405 -3.97 -6.79 37.30
N LEU B 406 -4.27 -6.61 35.99
CA LEU B 406 -4.50 -7.72 35.06
C LEU B 406 -3.32 -8.02 34.16
N LEU B 407 -3.31 -9.24 33.62
CA LEU B 407 -2.28 -9.71 32.72
C LEU B 407 -2.95 -10.50 31.58
N PRO B 408 -2.88 -10.04 30.32
CA PRO B 408 -3.49 -10.83 29.23
C PRO B 408 -2.74 -12.14 29.02
N THR B 409 -3.43 -13.26 28.85
CA THR B 409 -2.76 -14.55 28.70
C THR B 409 -3.28 -15.30 27.47
N ILE B 410 -2.36 -16.01 26.80
CA ILE B 410 -2.62 -16.83 25.60
C ILE B 410 -2.59 -18.30 26.06
N PRO B 411 -3.75 -18.97 26.24
CA PRO B 411 -3.72 -20.37 26.71
C PRO B 411 -3.09 -21.40 25.71
N ASP B 412 -3.10 -22.70 26.07
CA ASP B 412 -2.54 -23.81 25.28
C ASP B 412 -1.00 -23.95 25.60
N THR B 413 -0.08 -24.00 24.58
CA THR B 413 1.37 -24.17 24.75
C THR B 413 2.17 -23.07 23.98
N GLU B 414 1.93 -21.77 24.35
CA GLU B 414 2.60 -20.56 23.82
C GLU B 414 2.71 -19.49 24.94
N ASP B 415 3.82 -18.67 24.95
CA ASP B 415 4.13 -17.69 26.01
C ASP B 415 3.67 -16.19 25.74
N GLU B 416 4.35 -15.42 24.83
CA GLU B 416 4.02 -13.98 24.58
C GLU B 416 4.70 -13.47 23.29
N ILE B 417 3.97 -12.68 22.44
CA ILE B 417 4.48 -12.01 21.20
C ILE B 417 3.37 -11.10 20.60
N SER B 418 3.77 -9.93 20.02
CA SER B 418 2.83 -8.98 19.40
C SER B 418 3.18 -8.66 17.91
N PRO B 419 2.88 -9.56 16.93
CA PRO B 419 3.23 -9.29 15.53
C PRO B 419 2.68 -7.98 14.91
N ASP B 420 3.64 -7.22 14.31
CA ASP B 420 3.56 -5.91 13.63
C ASP B 420 3.56 -4.76 14.63
N GLY C 4 -21.81 -0.43 63.23
CA GLY C 4 -21.13 -0.21 61.95
C GLY C 4 -19.77 0.43 62.13
N GLU C 5 -18.69 -0.38 62.02
CA GLU C 5 -17.29 0.06 62.21
C GLU C 5 -16.63 0.35 60.83
N ARG C 6 -15.37 -0.08 60.55
CA ARG C 6 -14.66 0.17 59.28
C ARG C 6 -14.26 1.66 59.07
N PRO C 7 -13.54 2.27 60.04
CA PRO C 7 -13.10 3.67 59.90
C PRO C 7 -11.67 3.80 59.36
N PHE C 8 -11.17 2.81 58.62
CA PHE C 8 -9.82 2.83 58.06
C PHE C 8 -9.91 2.46 56.59
N HIS C 9 -10.02 3.47 55.71
CA HIS C 9 -10.16 3.24 54.27
C HIS C 9 -8.85 3.37 53.49
N CYS C 10 -8.69 2.58 52.42
CA CYS C 10 -7.51 2.67 51.56
C CYS C 10 -7.81 3.71 50.52
N ASN C 11 -7.04 4.80 50.49
CA ASN C 11 -7.30 5.89 49.56
C ASN C 11 -7.15 5.49 48.08
N GLN C 12 -6.64 4.27 47.75
CA GLN C 12 -6.46 3.82 46.35
C GLN C 12 -7.63 3.00 45.79
N CYS C 13 -8.08 1.96 46.52
CA CYS C 13 -9.16 1.10 46.08
C CYS C 13 -10.49 1.33 46.81
N GLY C 14 -10.41 1.82 48.06
CA GLY C 14 -11.57 2.09 48.90
C GLY C 14 -11.86 0.99 49.89
N ALA C 15 -10.90 0.08 50.14
CA ALA C 15 -11.08 -1.04 51.05
C ALA C 15 -11.24 -0.48 52.46
N SER C 16 -12.33 -0.87 53.15
CA SER C 16 -12.66 -0.38 54.49
C SER C 16 -12.29 -1.44 55.53
N PHE C 17 -11.46 -1.08 56.51
CA PHE C 17 -11.02 -1.99 57.56
C PHE C 17 -11.43 -1.53 58.92
N THR C 18 -11.72 -2.49 59.82
CA THR C 18 -12.15 -2.22 61.19
C THR C 18 -10.96 -1.92 62.13
N GLN C 19 -9.74 -2.38 61.79
CA GLN C 19 -8.56 -2.08 62.58
C GLN C 19 -7.45 -1.48 61.67
N LYS C 20 -6.53 -0.69 62.25
CA LYS C 20 -5.46 -0.03 61.51
C LYS C 20 -4.37 -0.97 61.00
N GLY C 21 -4.02 -1.98 61.79
CA GLY C 21 -3.04 -2.98 61.37
C GLY C 21 -3.47 -3.81 60.18
N ASN C 22 -4.80 -3.90 59.96
CA ASN C 22 -5.39 -4.61 58.82
C ASN C 22 -5.27 -3.73 57.56
N LEU C 23 -5.52 -2.41 57.67
CA LEU C 23 -5.40 -1.51 56.54
C LEU C 23 -3.94 -1.43 56.09
N LEU C 24 -3.00 -1.23 57.04
CA LEU C 24 -1.60 -1.10 56.68
C LEU C 24 -1.05 -2.32 55.94
N ARG C 25 -1.55 -3.53 56.22
CA ARG C 25 -1.10 -4.71 55.47
C ARG C 25 -1.63 -4.62 54.04
N HIS C 26 -2.90 -4.19 53.86
CA HIS C 26 -3.53 -4.05 52.54
C HIS C 26 -2.89 -2.96 51.67
N ILE C 27 -2.58 -1.80 52.23
CA ILE C 27 -1.96 -0.72 51.44
C ILE C 27 -0.57 -1.13 50.96
N LYS C 28 0.19 -1.90 51.76
CA LYS C 28 1.51 -2.37 51.35
C LYS C 28 1.48 -3.42 50.24
N LEU C 29 0.31 -3.97 49.89
CA LEU C 29 0.22 -4.91 48.77
C LEU C 29 0.13 -4.15 47.44
N HIS C 30 -0.48 -2.95 47.43
CA HIS C 30 -0.53 -2.12 46.22
C HIS C 30 0.89 -1.77 45.71
N SER C 31 1.01 -1.20 44.50
CA SER C 31 2.31 -0.82 43.95
C SER C 31 3.08 0.14 44.88
N1 A1CNP D . -15.56 4.77 42.07
N3 A1CNP D . -14.65 8.12 52.27
C4 A1CNP D . -10.87 5.20 47.57
C5 A1CNP D . -11.09 5.80 48.79
C6 A1CNP D . -16.39 6.98 54.87
C7 A1CNP D . -17.71 8.44 53.50
C8 A1CNP D . -13.35 6.24 48.17
C10 A1CNP D . -12.34 6.37 49.10
C13 A1CNP D . -11.97 4.42 45.32
C15 A1CNP D . -14.48 5.16 42.85
C17 A1CNP D . -15.16 2.38 42.40
C20 A1CNP D . -13.51 6.16 51.29
C21 A1CNP D . -13.71 9.01 51.60
C22 A1CNP D . -13.97 6.84 52.57
C24 A1CNP D . -12.58 7.05 50.45
C1 A1CNP D . -18.77 6.74 54.81
C2 A1CNP D . -17.55 6.34 55.29
C3 A1CNP D . -18.85 7.79 53.91
C9 A1CNP D . -11.91 5.07 46.65
C11 A1CNP D . -13.16 5.58 46.96
C12 A1CNP D . -16.45 8.04 53.97
C14 A1CNP D . -15.98 3.49 41.82
C16 A1CNP D . -14.10 5.31 45.83
C18 A1CNP D . -14.52 2.76 43.73
C19 A1CNP D . -13.25 8.41 50.27
C23 A1CNP D . -13.72 4.08 43.60
C25 A1CNP D . -15.20 8.72 53.49
N2 A1CNP D . -13.24 4.59 44.87
O1 A1CNP D . -11.09 3.84 44.71
O2 A1CNP D . -17.01 3.30 41.20
O3 A1CNP D . -14.11 6.34 42.88
O4 A1CNP D . -11.37 7.24 51.18
H26 A1CNP D . -16.08 5.52 41.64
H4 A1CNP D . -9.88 4.82 47.32
H5 A1CNP D . -10.33 5.72 49.55
H6 A1CNP D . -15.43 6.65 55.27
H7 A1CNP D . -17.78 9.27 52.80
H8 A1CNP D . -14.35 6.63 48.34
H11 A1CNP D . -14.39 2.08 41.68
H12 A1CNP D . -15.80 1.51 42.50
H18 A1CNP D . -13.00 5.23 51.53
H17 A1CNP D . -14.39 5.86 50.72
H19 A1CNP D . -14.10 10.00 51.42
H20 A1CNP D . -12.85 9.17 52.25
H21 A1CNP D . -13.09 7.05 53.18
H22 A1CNP D . -14.54 6.15 53.18
H1 A1CNP D . -19.68 6.23 55.13
H2 A1CNP D . -17.47 5.52 56.00
H3 A1CNP D . -19.82 8.11 53.53
H10 A1CNP D . -14.94 4.70 46.17
H9 A1CNP D . -14.53 6.23 45.43
H13 A1CNP D . -13.88 1.96 44.07
H14 A1CNP D . -15.28 2.86 44.49
H16 A1CNP D . -14.13 8.36 49.62
H15 A1CNP D . -12.59 9.12 49.77
H23 A1CNP D . -12.90 3.87 42.92
H25 A1CNP D . -15.45 9.76 53.29
H24 A1CNP D . -14.48 8.78 54.30
H27 A1CNP D . -10.58 7.31 50.59
ZN ZN E . -3.37 -12.99 42.53
ZN ZN F . -6.56 -0.18 48.49
#